data_1LK6
#
_entry.id   1LK6
#
_cell.length_a   68.811
_cell.length_b   99.908
_cell.length_c   87.292
_cell.angle_alpha   90.00
_cell.angle_beta   104.44
_cell.angle_gamma   90.00
#
_symmetry.space_group_name_H-M   'P 1 21 1'
#
loop_
_entity.id
_entity.type
_entity.pdbx_description
1 polymer antithrombin-III
2 polymer 'antithrombin P14-P9 peptide'
3 polymer 'exogenous tripeptide formyl-MLF'
4 non-polymer 2-acetamido-2-deoxy-alpha-D-glucopyranose
5 non-polymer 2-acetamido-2-deoxy-beta-D-glucopyranose
6 non-polymer GLYCEROL
7 water water
#
loop_
_entity_poly.entity_id
_entity_poly.type
_entity_poly.pdbx_seq_one_letter_code
_entity_poly.pdbx_strand_id
1 'polypeptide(L)'
;HGSPVDICTAKPRDIPMNPMCIYRSPEKKATEDEGSEQKIPEATNRRVWELSKANSRFATTFYQHLADSKNDNDNIFLSP
LSISTAFAMTKLGACNDTLQQLMEVFKFDTISEKTSDQIHFFFAKLNCRLYRKANKSSKLVSANRLFGDKSLTFNETYQD
ISELVYGAKLQPLDFKENAEQSRAAINKWVSNKTEGRITDVIPSEAINELTVLVLVNTIYFKGLWKSKFSPENTRKELFY
KADGESCSASMMYQEGKFRYRRVAEGTQVLELPFKGDDITMVLILPKPEKSLAKVEKELTPEVLQEWLDELEEMMLVVHM
PRFRIEDGFSLKEQLQDMGLVDLFSPEKSKLPGIVAEGRDDLYVSDAFHKAFLEVNEEGSEAAASTAVVIAGRSLNPNRV
TFKANRPFLVFIREVPLNTIIFMGRVANPCVK
;
L,I
2 'polypeptide(L)' (ACE)SEAAAS C
3 'polypeptide(L)' (FME)LF D
#
loop_
_chem_comp.id
_chem_comp.type
_chem_comp.name
_chem_comp.formula
ACE non-polymer 'ACETYL GROUP' 'C2 H4 O'
GOL non-polymer GLYCEROL 'C3 H8 O3'
NAG D-saccharide, beta linking 2-acetamido-2-deoxy-beta-D-glucopyranose 'C8 H15 N O6'
NDG D-saccharide, alpha linking 2-acetamido-2-deoxy-alpha-D-glucopyranose 'C8 H15 N O6'
#
# COMPACT_ATOMS: atom_id res chain seq x y z
N VAL A 5 15.27 25.80 -43.71
CA VAL A 5 14.45 24.59 -43.74
C VAL A 5 14.34 23.94 -42.36
N ASP A 6 13.13 23.47 -42.04
CA ASP A 6 12.83 22.81 -40.77
C ASP A 6 12.12 21.50 -41.08
N ILE A 7 12.86 20.40 -41.02
CA ILE A 7 12.31 19.08 -41.32
C ILE A 7 10.97 18.83 -40.65
N CYS A 8 10.80 19.39 -39.46
CA CYS A 8 9.57 19.20 -38.72
C CYS A 8 8.38 19.67 -39.54
N THR A 9 8.54 20.79 -40.24
CA THR A 9 7.48 21.38 -41.06
C THR A 9 7.41 20.84 -42.49
N ALA A 10 8.57 20.70 -43.13
CA ALA A 10 8.69 20.24 -44.51
C ALA A 10 7.98 18.93 -44.88
N LYS A 11 7.77 18.73 -46.18
CA LYS A 11 7.14 17.54 -46.72
C LYS A 11 8.24 16.60 -47.23
N PRO A 12 7.90 15.33 -47.52
CA PRO A 12 8.91 14.40 -48.02
C PRO A 12 9.40 14.75 -49.43
N ARG A 13 9.71 16.02 -49.64
CA ARG A 13 10.18 16.50 -50.94
C ARG A 13 11.10 17.70 -50.76
N ASP A 14 10.80 18.52 -49.76
CA ASP A 14 11.59 19.71 -49.46
C ASP A 14 12.90 19.33 -48.76
N ILE A 15 13.25 18.05 -48.87
CA ILE A 15 14.46 17.53 -48.26
C ILE A 15 15.22 16.70 -49.29
N PRO A 16 16.25 17.31 -49.91
CA PRO A 16 17.09 16.67 -50.92
C PRO A 16 17.97 15.54 -50.43
N MET A 17 17.35 14.56 -49.76
CA MET A 17 18.09 13.41 -49.26
C MET A 17 18.92 12.85 -50.41
N ASN A 18 20.23 12.74 -50.23
CA ASN A 18 21.05 12.23 -51.31
C ASN A 18 21.85 10.97 -50.94
N PRO A 19 21.36 10.17 -49.98
CA PRO A 19 22.11 8.96 -49.60
C PRO A 19 22.81 8.26 -50.77
N MET A 20 24.08 7.96 -50.58
CA MET A 20 24.89 7.30 -51.59
C MET A 20 24.19 6.05 -52.09
N CYS A 21 23.96 5.11 -51.18
CA CYS A 21 23.32 3.86 -51.54
C CYS A 21 21.89 3.84 -51.04
N ILE A 22 21.13 2.82 -51.44
CA ILE A 22 19.75 2.70 -51.02
C ILE A 22 19.36 1.23 -50.91
N TYR A 23 18.19 0.97 -50.34
CA TYR A 23 17.65 -0.37 -50.17
C TYR A 23 16.20 -0.20 -49.71
N ASN A 45 3.25 11.16 -39.87
CA ASN A 45 1.90 10.71 -40.15
C ASN A 45 1.75 9.24 -39.76
N ARG A 46 1.06 8.45 -40.60
CA ARG A 46 0.86 7.04 -40.33
C ARG A 46 2.18 6.28 -40.37
N ARG A 47 3.17 6.83 -41.08
CA ARG A 47 4.47 6.18 -41.18
C ARG A 47 5.20 6.30 -39.84
N VAL A 48 5.17 7.51 -39.28
CA VAL A 48 5.79 7.78 -37.98
C VAL A 48 5.47 6.65 -37.02
N TRP A 49 4.18 6.31 -36.95
CA TRP A 49 3.70 5.26 -36.07
C TRP A 49 4.43 3.94 -36.36
N GLU A 50 4.44 3.55 -37.62
CA GLU A 50 5.09 2.31 -38.02
C GLU A 50 6.55 2.33 -37.57
N LEU A 51 7.17 3.50 -37.61
CA LEU A 51 8.55 3.65 -37.17
C LEU A 51 8.64 3.33 -35.68
N SER A 52 7.75 3.94 -34.89
CA SER A 52 7.72 3.69 -33.46
C SER A 52 7.56 2.19 -33.25
N LYS A 53 6.69 1.57 -34.04
CA LYS A 53 6.50 0.13 -33.92
C LYS A 53 7.87 -0.49 -34.10
N ALA A 54 8.53 -0.09 -35.19
CA ALA A 54 9.85 -0.58 -35.54
C ALA A 54 10.81 -0.48 -34.36
N ASN A 55 10.85 0.69 -33.72
CA ASN A 55 11.72 0.92 -32.57
C ASN A 55 11.40 0.00 -31.42
N SER A 56 10.10 -0.18 -31.16
CA SER A 56 9.67 -1.04 -30.08
C SER A 56 10.10 -2.48 -30.37
N ARG A 57 9.97 -2.91 -31.63
CA ARG A 57 10.39 -4.25 -31.99
C ARG A 57 11.85 -4.40 -31.56
N PHE A 58 12.70 -3.48 -32.04
CA PHE A 58 14.11 -3.53 -31.69
C PHE A 58 14.29 -3.62 -30.18
N ALA A 59 13.64 -2.72 -29.47
CA ALA A 59 13.73 -2.65 -28.02
C ALA A 59 13.57 -3.97 -27.27
N THR A 60 12.43 -4.64 -27.44
CA THR A 60 12.19 -5.90 -26.75
C THR A 60 13.22 -6.94 -27.13
N THR A 61 13.48 -7.06 -28.43
CA THR A 61 14.46 -8.02 -28.89
C THR A 61 15.79 -7.73 -28.23
N PHE A 62 16.31 -6.53 -28.49
CA PHE A 62 17.59 -6.15 -27.91
C PHE A 62 17.59 -6.36 -26.40
N TYR A 63 16.47 -6.05 -25.75
CA TYR A 63 16.40 -6.21 -24.31
C TYR A 63 16.63 -7.66 -23.92
N GLN A 64 15.92 -8.55 -24.63
CA GLN A 64 16.02 -9.98 -24.39
C GLN A 64 17.46 -10.47 -24.52
N HIS A 65 18.13 -10.03 -25.58
CA HIS A 65 19.52 -10.43 -25.78
C HIS A 65 20.35 -9.89 -24.66
N LEU A 66 20.26 -8.58 -24.45
CA LEU A 66 21.01 -7.95 -23.38
C LEU A 66 20.70 -8.66 -22.08
N ALA A 67 19.46 -9.14 -21.95
CA ALA A 67 19.02 -9.83 -20.75
C ALA A 67 19.83 -11.09 -20.50
N ASP A 68 20.15 -11.82 -21.56
CA ASP A 68 20.92 -13.05 -21.45
C ASP A 68 22.34 -12.80 -20.95
N SER A 69 22.96 -11.74 -21.44
CA SER A 69 24.33 -11.42 -21.05
C SER A 69 24.41 -10.87 -19.62
N LYS A 70 23.38 -11.12 -18.83
CA LYS A 70 23.35 -10.63 -17.45
C LYS A 70 22.74 -11.62 -16.44
N ASN A 71 23.02 -11.39 -15.16
CA ASN A 71 22.49 -12.23 -14.10
C ASN A 71 21.04 -11.82 -13.86
N ASP A 72 20.15 -12.79 -13.95
CA ASP A 72 18.72 -12.54 -13.75
C ASP A 72 18.40 -11.58 -12.61
N ASN A 73 19.32 -11.43 -11.67
CA ASN A 73 19.12 -10.54 -10.54
C ASN A 73 19.90 -9.24 -10.55
N ASP A 74 20.41 -8.86 -11.72
CA ASP A 74 21.15 -7.61 -11.81
C ASP A 74 20.27 -6.51 -12.40
N ASN A 75 20.69 -5.26 -12.17
CA ASN A 75 19.96 -4.14 -12.72
C ASN A 75 20.20 -4.07 -14.23
N ILE A 76 19.25 -3.48 -14.93
CA ILE A 76 19.36 -3.30 -16.37
C ILE A 76 18.60 -2.05 -16.73
N PHE A 77 19.31 -1.08 -17.29
CA PHE A 77 18.65 0.13 -17.70
C PHE A 77 19.21 0.62 -19.02
N LEU A 78 18.33 1.20 -19.83
CA LEU A 78 18.76 1.70 -21.12
C LEU A 78 17.67 2.37 -21.91
N SER A 79 18.09 3.25 -22.81
CA SER A 79 17.16 3.94 -23.67
C SER A 79 17.25 3.28 -25.04
N PRO A 80 16.24 2.49 -25.41
CA PRO A 80 16.31 1.84 -26.72
C PRO A 80 16.32 2.90 -27.80
N LEU A 81 15.55 3.96 -27.60
CA LEU A 81 15.45 5.03 -28.59
C LEU A 81 16.83 5.60 -28.88
N SER A 82 17.63 5.76 -27.82
CA SER A 82 18.98 6.28 -27.94
C SER A 82 19.76 5.47 -28.96
N ILE A 83 19.77 4.17 -28.75
CA ILE A 83 20.47 3.26 -29.64
C ILE A 83 19.88 3.33 -31.04
N SER A 84 18.56 3.20 -31.16
CA SER A 84 17.94 3.30 -32.48
C SER A 84 18.34 4.59 -33.21
N THR A 85 18.60 5.65 -32.45
CA THR A 85 18.97 6.90 -33.07
C THR A 85 20.41 6.86 -33.58
N ALA A 86 21.34 6.52 -32.70
CA ALA A 86 22.74 6.45 -33.07
C ALA A 86 22.98 5.58 -34.29
N PHE A 87 22.33 4.42 -34.34
CA PHE A 87 22.53 3.54 -35.46
C PHE A 87 21.82 3.97 -36.72
N ALA A 88 20.79 4.79 -36.57
CA ALA A 88 20.09 5.31 -37.73
C ALA A 88 21.06 6.33 -38.34
N MET A 89 21.59 7.16 -37.47
CA MET A 89 22.54 8.18 -37.83
C MET A 89 23.67 7.50 -38.60
N THR A 90 24.19 6.41 -38.05
CA THR A 90 25.27 5.71 -38.71
C THR A 90 24.89 5.27 -40.13
N LYS A 91 23.69 4.71 -40.27
CA LYS A 91 23.21 4.22 -41.56
C LYS A 91 23.29 5.22 -42.72
N LEU A 92 23.26 6.53 -42.41
CA LEU A 92 23.34 7.54 -43.47
C LEU A 92 24.60 7.34 -44.33
N GLY A 93 25.61 6.69 -43.77
CA GLY A 93 26.83 6.46 -44.52
C GLY A 93 27.03 4.99 -44.82
N ALA A 94 26.00 4.17 -44.56
CA ALA A 94 26.08 2.74 -44.81
C ALA A 94 25.83 2.38 -46.28
N CYS A 95 26.20 1.17 -46.66
CA CYS A 95 26.01 0.73 -48.04
C CYS A 95 26.09 -0.80 -48.19
N ASN A 96 25.49 -1.32 -49.25
CA ASN A 96 25.51 -2.77 -49.53
C ASN A 96 24.82 -3.59 -48.45
N ASP A 97 25.52 -4.59 -47.93
CA ASP A 97 24.94 -5.42 -46.89
C ASP A 97 24.84 -4.61 -45.61
N THR A 98 25.95 -3.99 -45.24
CA THR A 98 26.00 -3.17 -44.03
C THR A 98 24.72 -2.36 -43.95
N LEU A 99 24.35 -1.71 -45.05
CA LEU A 99 23.14 -0.92 -45.07
C LEU A 99 21.90 -1.77 -44.85
N GLN A 100 21.79 -2.88 -45.57
CA GLN A 100 20.63 -3.75 -45.43
C GLN A 100 20.50 -4.28 -44.01
N GLN A 101 21.53 -4.98 -43.53
CA GLN A 101 21.51 -5.52 -42.18
C GLN A 101 21.01 -4.48 -41.18
N LEU A 102 21.54 -3.26 -41.26
CA LEU A 102 21.12 -2.18 -40.36
C LEU A 102 19.61 -2.05 -40.42
N MET A 103 19.11 -1.80 -41.63
CA MET A 103 17.69 -1.64 -41.88
C MET A 103 16.84 -2.71 -41.18
N GLU A 104 17.21 -3.97 -41.40
CA GLU A 104 16.51 -5.11 -40.82
C GLU A 104 16.72 -5.22 -39.31
N VAL A 105 17.98 -5.22 -38.89
CA VAL A 105 18.30 -5.34 -37.47
C VAL A 105 17.48 -4.40 -36.61
N PHE A 106 17.35 -3.16 -37.07
CA PHE A 106 16.57 -2.17 -36.33
C PHE A 106 15.15 -2.07 -36.86
N LYS A 107 14.74 -3.12 -37.55
CA LYS A 107 13.41 -3.25 -38.14
C LYS A 107 12.87 -2.09 -38.97
N PHE A 108 13.74 -1.21 -39.46
CA PHE A 108 13.22 -0.10 -40.24
C PHE A 108 12.62 -0.71 -41.50
N ASP A 109 13.16 -1.86 -41.89
CA ASP A 109 12.73 -2.57 -43.08
C ASP A 109 11.27 -2.99 -43.07
N THR A 110 10.55 -2.68 -42.00
CA THR A 110 9.14 -3.05 -41.95
C THR A 110 8.24 -1.84 -42.17
N ILE A 111 8.84 -0.64 -42.20
CA ILE A 111 8.06 0.57 -42.44
C ILE A 111 7.56 0.58 -43.87
N SER A 112 6.25 0.75 -44.05
CA SER A 112 5.64 0.77 -45.38
C SER A 112 6.29 1.85 -46.23
N GLU A 113 7.40 1.50 -46.87
CA GLU A 113 8.15 2.40 -47.73
C GLU A 113 8.85 1.58 -48.81
N LYS A 114 9.87 2.17 -49.43
CA LYS A 114 10.63 1.47 -50.47
C LYS A 114 12.10 1.84 -50.41
N THR A 115 12.39 3.03 -49.88
CA THR A 115 13.75 3.51 -49.79
C THR A 115 14.31 3.67 -48.36
N SER A 116 15.47 3.06 -48.15
CA SER A 116 16.17 3.11 -46.88
C SER A 116 16.45 4.55 -46.50
N ASP A 117 16.30 5.46 -47.46
CA ASP A 117 16.56 6.87 -47.20
C ASP A 117 15.33 7.63 -46.71
N GLN A 118 14.14 7.08 -46.95
CA GLN A 118 12.93 7.75 -46.51
C GLN A 118 12.66 7.56 -45.03
N ILE A 119 13.16 6.45 -44.49
CA ILE A 119 12.99 6.14 -43.08
C ILE A 119 13.47 7.35 -42.25
N HIS A 120 14.67 7.81 -42.54
CA HIS A 120 15.27 8.95 -41.85
C HIS A 120 14.34 10.15 -41.73
N PHE A 121 13.56 10.40 -42.78
CA PHE A 121 12.64 11.54 -42.77
C PHE A 121 11.62 11.43 -41.64
N PHE A 122 11.02 10.25 -41.52
CA PHE A 122 10.03 9.98 -40.49
C PHE A 122 10.62 10.04 -39.09
N PHE A 123 11.84 9.51 -38.95
CA PHE A 123 12.55 9.50 -37.68
C PHE A 123 12.67 10.97 -37.25
N ALA A 124 13.12 11.83 -38.15
CA ALA A 124 13.25 13.24 -37.82
C ALA A 124 11.90 13.74 -37.29
N LYS A 125 10.83 13.39 -38.00
CA LYS A 125 9.48 13.78 -37.60
C LYS A 125 9.20 13.32 -36.17
N LEU A 126 9.30 12.01 -35.95
CA LEU A 126 9.10 11.42 -34.63
C LEU A 126 9.90 12.19 -33.58
N ASN A 127 11.16 12.51 -33.87
CA ASN A 127 11.97 13.25 -32.91
C ASN A 127 11.39 14.64 -32.71
N CYS A 128 10.85 15.21 -33.80
CA CYS A 128 10.25 16.52 -33.74
C CYS A 128 9.13 16.49 -32.72
N ARG A 129 8.23 15.53 -32.88
CA ARG A 129 7.09 15.38 -31.98
C ARG A 129 7.51 15.04 -30.54
N LEU A 130 8.60 14.31 -30.39
CA LEU A 130 9.07 13.94 -29.07
C LEU A 130 9.68 15.08 -28.28
N TYR A 131 10.58 15.85 -28.90
CA TYR A 131 11.26 16.92 -28.18
C TYR A 131 10.83 18.34 -28.52
N ARG A 132 9.83 18.48 -29.40
CA ARG A 132 9.36 19.80 -29.77
C ARG A 132 7.86 19.97 -29.53
N LYS A 133 7.50 20.35 -28.31
CA LYS A 133 6.11 20.55 -27.95
C LYS A 133 5.95 21.86 -27.17
N ALA A 134 4.75 22.44 -27.23
CA ALA A 134 4.45 23.69 -26.55
C ALA A 134 4.18 23.50 -25.06
N ASN A 135 3.31 22.55 -24.74
CA ASN A 135 2.96 22.25 -23.35
C ASN A 135 4.20 22.10 -22.48
N LYS A 136 4.94 21.01 -22.69
CA LYS A 136 6.16 20.73 -21.95
C LYS A 136 5.95 20.68 -20.44
N SER A 137 5.09 19.77 -20.00
CA SER A 137 4.81 19.59 -18.58
C SER A 137 6.01 18.87 -17.95
N SER A 138 6.77 18.19 -18.80
CA SER A 138 7.96 17.45 -18.38
C SER A 138 9.05 17.76 -19.38
N LYS A 139 10.30 17.66 -18.96
CA LYS A 139 11.42 17.94 -19.84
C LYS A 139 11.86 16.66 -20.56
N LEU A 140 11.94 16.73 -21.89
CA LEU A 140 12.40 15.60 -22.69
C LEU A 140 13.15 16.16 -23.88
N VAL A 141 14.47 16.14 -23.77
CA VAL A 141 15.34 16.69 -24.81
C VAL A 141 16.26 15.64 -25.41
N SER A 142 16.83 15.96 -26.57
CA SER A 142 17.76 15.07 -27.23
C SER A 142 18.85 15.93 -27.85
N ALA A 143 20.01 15.32 -28.09
CA ALA A 143 21.13 16.02 -28.67
C ALA A 143 22.04 15.04 -29.36
N ASN A 144 22.23 15.21 -30.66
CA ASN A 144 23.09 14.32 -31.42
C ASN A 144 24.30 15.06 -31.90
N ARG A 145 25.42 14.36 -32.00
CA ARG A 145 26.63 15.00 -32.50
C ARG A 145 27.61 13.99 -33.08
N LEU A 146 28.43 14.48 -34.00
CA LEU A 146 29.44 13.66 -34.64
C LEU A 146 30.79 14.23 -34.26
N PHE A 147 31.81 13.37 -34.18
CA PHE A 147 33.15 13.82 -33.86
C PHE A 147 34.11 13.14 -34.82
N GLY A 148 34.58 13.88 -35.81
CA GLY A 148 35.50 13.34 -36.80
C GLY A 148 36.90 13.86 -36.61
N ASP A 149 37.87 13.08 -37.08
CA ASP A 149 39.28 13.47 -36.96
C ASP A 149 39.50 14.83 -37.63
N LYS A 150 40.28 15.68 -36.97
CA LYS A 150 40.56 17.01 -37.48
C LYS A 150 41.24 17.04 -38.87
N SER A 151 41.93 15.96 -39.24
CA SER A 151 42.65 15.92 -40.52
C SER A 151 41.96 15.30 -41.72
N LEU A 152 40.72 14.86 -41.57
CA LEU A 152 40.04 14.24 -42.70
C LEU A 152 38.99 15.12 -43.33
N THR A 153 38.68 14.83 -44.60
CA THR A 153 37.65 15.57 -45.30
C THR A 153 36.41 14.67 -45.32
N PHE A 154 35.35 15.12 -44.66
CA PHE A 154 34.15 14.31 -44.63
C PHE A 154 33.21 14.70 -45.74
N ASN A 155 32.66 13.71 -46.45
CA ASN A 155 31.72 13.97 -47.52
C ASN A 155 30.72 15.04 -47.06
N GLU A 156 30.51 16.05 -47.89
CA GLU A 156 29.61 17.14 -47.55
C GLU A 156 28.13 16.81 -47.46
N THR A 157 27.60 16.01 -48.37
CA THR A 157 26.19 15.69 -48.28
C THR A 157 25.92 14.95 -46.97
N TYR A 158 26.71 13.91 -46.69
CA TYR A 158 26.57 13.14 -45.45
C TYR A 158 26.61 14.09 -44.27
N GLN A 159 27.54 15.04 -44.30
CA GLN A 159 27.66 15.98 -43.21
C GLN A 159 26.39 16.82 -43.08
N ASP A 160 25.89 17.33 -44.21
CA ASP A 160 24.70 18.18 -44.22
C ASP A 160 23.42 17.45 -43.82
N ILE A 161 23.27 16.21 -44.27
CA ILE A 161 22.09 15.41 -43.97
C ILE A 161 21.97 15.12 -42.48
N SER A 162 23.09 14.71 -41.90
CA SER A 162 23.12 14.40 -40.49
C SER A 162 22.76 15.64 -39.68
N GLU A 163 23.29 16.80 -40.06
CA GLU A 163 22.97 18.02 -39.32
C GLU A 163 21.52 18.46 -39.54
N LEU A 164 20.93 18.05 -40.65
CA LEU A 164 19.55 18.42 -40.93
C LEU A 164 18.58 17.46 -40.32
N VAL A 165 18.72 16.18 -40.67
CA VAL A 165 17.86 15.12 -40.17
C VAL A 165 18.01 14.81 -38.69
N TYR A 166 19.20 15.02 -38.15
CA TYR A 166 19.45 14.70 -36.74
C TYR A 166 20.06 15.82 -35.91
N GLY A 167 20.09 17.02 -36.46
CA GLY A 167 20.68 18.12 -35.73
C GLY A 167 22.07 17.78 -35.26
N ALA A 168 22.73 16.87 -35.99
CA ALA A 168 24.07 16.45 -35.64
C ALA A 168 25.16 17.21 -36.39
N LYS A 169 25.75 18.21 -35.73
CA LYS A 169 26.82 18.97 -36.34
C LYS A 169 28.08 18.11 -36.23
N LEU A 170 29.08 18.38 -37.06
CA LEU A 170 30.29 17.58 -36.99
C LEU A 170 31.37 18.36 -36.26
N GLN A 171 31.80 17.84 -35.11
CA GLN A 171 32.84 18.52 -34.37
C GLN A 171 34.19 17.89 -34.65
N PRO A 172 35.20 18.72 -34.87
CA PRO A 172 36.53 18.17 -35.16
C PRO A 172 37.19 17.71 -33.89
N LEU A 173 38.00 16.66 -33.99
CA LEU A 173 38.73 16.15 -32.84
C LEU A 173 40.03 15.50 -33.33
N ASP A 174 41.10 15.65 -32.55
CA ASP A 174 42.36 15.05 -32.94
C ASP A 174 42.49 13.64 -32.38
N PHE A 175 42.15 12.65 -33.19
CA PHE A 175 42.24 11.27 -32.75
C PHE A 175 43.68 10.79 -32.97
N LYS A 176 44.27 11.18 -34.11
CA LYS A 176 45.63 10.79 -34.46
C LYS A 176 46.70 11.11 -33.42
N GLU A 177 46.66 12.32 -32.87
CA GLU A 177 47.63 12.71 -31.86
C GLU A 177 47.10 12.75 -30.43
N ASN A 178 45.77 12.83 -30.27
CA ASN A 178 45.18 12.90 -28.93
C ASN A 178 43.88 12.16 -28.71
N ALA A 179 43.93 10.85 -28.90
CA ALA A 179 42.75 10.03 -28.70
C ALA A 179 42.14 10.31 -27.33
N GLU A 180 43.00 10.33 -26.29
CA GLU A 180 42.53 10.56 -24.93
C GLU A 180 41.81 11.89 -24.74
N GLN A 181 42.47 12.99 -25.14
CA GLN A 181 41.86 14.31 -25.02
C GLN A 181 40.47 14.19 -25.65
N SER A 182 40.43 13.60 -26.84
CA SER A 182 39.20 13.42 -27.61
C SER A 182 38.10 12.69 -26.85
N ARG A 183 38.42 11.51 -26.35
CA ARG A 183 37.45 10.73 -25.60
C ARG A 183 36.92 11.60 -24.45
N ALA A 184 37.84 12.09 -23.63
CA ALA A 184 37.45 12.95 -22.50
C ALA A 184 36.58 14.09 -23.03
N ALA A 185 36.85 14.49 -24.25
CA ALA A 185 36.10 15.57 -24.85
C ALA A 185 34.66 15.14 -25.01
N ILE A 186 34.45 14.05 -25.75
CA ILE A 186 33.12 13.54 -26.02
C ILE A 186 32.35 13.25 -24.73
N ASN A 187 32.94 12.44 -23.85
CA ASN A 187 32.28 12.10 -22.60
C ASN A 187 31.75 13.35 -21.93
N LYS A 188 32.52 14.44 -21.99
CA LYS A 188 32.09 15.70 -21.38
C LYS A 188 30.96 16.35 -22.17
N TRP A 189 30.98 16.22 -23.49
CA TRP A 189 29.90 16.82 -24.24
C TRP A 189 28.61 16.07 -23.91
N VAL A 190 28.75 14.76 -23.67
CA VAL A 190 27.59 13.95 -23.33
C VAL A 190 27.11 14.33 -21.94
N SER A 191 28.07 14.65 -21.08
CA SER A 191 27.76 15.06 -19.72
C SER A 191 26.92 16.33 -19.72
N ASN A 192 27.26 17.30 -20.55
CA ASN A 192 26.49 18.54 -20.62
C ASN A 192 25.06 18.33 -21.10
N LYS A 193 24.84 17.33 -21.95
CA LYS A 193 23.51 17.06 -22.47
C LYS A 193 22.68 16.20 -21.54
N THR A 194 23.31 15.67 -20.50
CA THR A 194 22.61 14.80 -19.56
C THR A 194 22.65 15.32 -18.13
N GLU A 195 22.75 16.64 -17.97
CA GLU A 195 22.80 17.28 -16.64
C GLU A 195 23.80 16.53 -15.76
N GLY A 196 24.91 16.14 -16.36
CA GLY A 196 25.93 15.43 -15.63
C GLY A 196 25.55 14.05 -15.14
N ARG A 197 24.44 13.52 -15.64
CA ARG A 197 24.01 12.19 -15.23
C ARG A 197 24.74 11.11 -16.01
N ILE A 198 24.98 11.34 -17.28
CA ILE A 198 25.70 10.36 -18.10
C ILE A 198 27.08 10.94 -18.37
N THR A 199 28.07 10.44 -17.66
CA THR A 199 29.42 10.96 -17.81
C THR A 199 30.35 10.17 -18.73
N ASP A 200 30.91 9.08 -18.22
CA ASP A 200 31.86 8.27 -18.97
C ASP A 200 31.26 7.25 -19.96
N VAL A 201 30.43 7.72 -20.86
CA VAL A 201 29.82 6.82 -21.85
C VAL A 201 30.89 6.00 -22.57
N ILE A 202 32.02 6.62 -22.90
CA ILE A 202 33.07 5.92 -23.62
C ILE A 202 34.24 5.43 -22.75
N PRO A 203 34.42 4.11 -22.67
CA PRO A 203 35.48 3.48 -21.88
C PRO A 203 36.85 4.04 -22.24
N SER A 204 37.84 3.78 -21.40
CA SER A 204 39.21 4.25 -21.58
C SER A 204 39.88 4.10 -22.95
N GLU A 205 40.45 2.92 -23.21
CA GLU A 205 41.17 2.66 -24.46
C GLU A 205 40.31 2.44 -25.70
N ALA A 206 39.07 2.92 -25.68
CA ALA A 206 38.16 2.73 -26.81
C ALA A 206 38.47 3.58 -28.04
N ILE A 207 39.12 4.72 -27.83
CA ILE A 207 39.47 5.57 -28.95
C ILE A 207 40.98 5.65 -29.14
N ASN A 208 41.45 5.47 -30.38
CA ASN A 208 42.88 5.54 -30.69
C ASN A 208 43.18 6.25 -32.02
N GLU A 209 44.48 6.45 -32.28
CA GLU A 209 44.99 7.12 -33.47
C GLU A 209 44.22 6.78 -34.74
N LEU A 210 43.73 5.55 -34.83
CA LEU A 210 42.99 5.12 -36.01
C LEU A 210 41.53 5.55 -36.02
N THR A 211 41.00 5.95 -34.88
CA THR A 211 39.62 6.39 -34.79
C THR A 211 39.33 7.48 -35.83
N VAL A 212 38.35 7.23 -36.68
CA VAL A 212 37.95 8.14 -37.73
C VAL A 212 36.78 9.04 -37.32
N LEU A 213 35.80 8.43 -36.66
CA LEU A 213 34.59 9.14 -36.28
C LEU A 213 33.83 8.49 -35.13
N VAL A 214 33.12 9.31 -34.37
CA VAL A 214 32.29 8.82 -33.27
C VAL A 214 30.87 9.44 -33.35
N LEU A 215 29.88 8.62 -33.69
CA LEU A 215 28.50 9.11 -33.78
C LEU A 215 27.89 8.98 -32.39
N VAL A 216 27.25 10.06 -31.93
CA VAL A 216 26.68 10.05 -30.60
C VAL A 216 25.24 10.56 -30.49
N ASN A 217 24.46 9.94 -29.61
CA ASN A 217 23.10 10.35 -29.29
C ASN A 217 22.98 10.50 -27.79
N THR A 218 22.12 11.41 -27.36
CA THR A 218 21.88 11.60 -25.94
C THR A 218 20.41 11.94 -25.79
N ILE A 219 19.80 11.46 -24.71
CA ILE A 219 18.40 11.77 -24.43
C ILE A 219 18.33 12.06 -22.95
N TYR A 220 17.49 13.03 -22.57
CA TYR A 220 17.36 13.39 -21.17
C TYR A 220 15.89 13.60 -20.79
N PHE A 221 15.52 13.02 -19.65
CA PHE A 221 14.14 13.13 -19.19
C PHE A 221 14.06 13.44 -17.71
N LYS A 222 12.95 14.07 -17.36
CA LYS A 222 12.66 14.41 -15.98
C LYS A 222 11.21 14.88 -15.97
N GLY A 223 10.40 14.14 -15.23
CA GLY A 223 8.99 14.48 -15.14
C GLY A 223 8.54 14.45 -13.70
N LEU A 224 7.48 15.21 -13.43
CA LEU A 224 6.94 15.27 -12.10
C LEU A 224 5.82 14.26 -12.06
N TRP A 225 5.72 13.57 -10.95
CA TRP A 225 4.67 12.58 -10.76
C TRP A 225 3.37 13.39 -10.82
N LYS A 226 2.36 12.87 -11.51
CA LYS A 226 1.09 13.54 -11.57
C LYS A 226 0.50 13.45 -10.16
N SER A 227 0.99 12.45 -9.41
CA SER A 227 0.60 12.21 -8.02
C SER A 227 1.90 11.90 -7.26
N LYS A 228 2.53 12.92 -6.71
CA LYS A 228 3.77 12.69 -5.98
C LYS A 228 3.54 11.85 -4.73
N PHE A 229 4.64 11.41 -4.11
CA PHE A 229 4.54 10.63 -2.88
C PHE A 229 4.94 11.59 -1.78
N SER A 230 4.49 11.33 -0.56
CA SER A 230 4.87 12.20 0.55
C SER A 230 6.01 11.52 1.28
N PRO A 231 7.05 12.28 1.62
CA PRO A 231 8.22 11.75 2.32
C PRO A 231 7.87 11.16 3.68
N GLU A 232 6.85 11.72 4.34
CA GLU A 232 6.43 11.21 5.64
C GLU A 232 6.02 9.75 5.51
N ASN A 233 5.34 9.44 4.42
CA ASN A 233 4.89 8.08 4.16
C ASN A 233 6.03 7.14 3.81
N THR A 234 7.21 7.72 3.57
CA THR A 234 8.38 6.91 3.21
C THR A 234 9.09 6.35 4.43
N ARG A 235 9.33 5.05 4.42
CA ARG A 235 9.99 4.37 5.54
C ARG A 235 11.13 3.46 5.10
N LYS A 236 12.12 3.31 5.96
CA LYS A 236 13.23 2.43 5.65
C LYS A 236 12.66 1.01 5.68
N GLU A 237 13.36 0.07 5.07
CA GLU A 237 12.92 -1.31 5.05
C GLU A 237 14.03 -2.23 4.56
N LEU A 238 14.40 -3.20 5.37
CA LEU A 238 15.46 -4.13 4.98
C LEU A 238 15.14 -4.80 3.65
N PHE A 239 16.12 -4.78 2.74
CA PHE A 239 15.95 -5.43 1.44
C PHE A 239 16.91 -6.61 1.46
N TYR A 240 16.41 -7.79 1.13
CA TYR A 240 17.22 -9.01 1.14
C TYR A 240 17.85 -9.36 -0.21
N LYS A 241 19.18 -9.34 -0.27
CA LYS A 241 19.90 -9.68 -1.51
C LYS A 241 19.86 -11.20 -1.65
N ALA A 242 19.48 -11.71 -2.82
CA ALA A 242 19.41 -13.16 -3.06
C ALA A 242 20.46 -13.89 -2.23
N ASP A 243 21.67 -13.98 -2.76
CA ASP A 243 22.75 -14.62 -2.03
C ASP A 243 23.44 -13.51 -1.25
N GLY A 244 23.09 -13.39 0.03
CA GLY A 244 23.71 -12.36 0.83
C GLY A 244 22.78 -11.86 1.91
N GLU A 245 23.18 -10.78 2.56
CA GLU A 245 22.38 -10.17 3.62
C GLU A 245 21.47 -9.09 3.07
N SER A 246 20.97 -8.24 3.95
CA SER A 246 20.07 -7.18 3.57
C SER A 246 20.71 -5.81 3.70
N CYS A 247 20.20 -4.86 2.93
CA CYS A 247 20.66 -3.49 2.96
C CYS A 247 19.45 -2.57 3.08
N SER A 248 19.64 -1.42 3.72
CA SER A 248 18.57 -0.45 3.91
C SER A 248 17.95 -0.03 2.57
N ALA A 249 16.68 0.37 2.61
CA ALA A 249 15.97 0.79 1.41
C ALA A 249 14.81 1.73 1.73
N SER A 250 14.73 2.84 1.00
CA SER A 250 13.65 3.79 1.23
C SER A 250 12.44 3.41 0.39
N MET A 251 11.38 2.97 1.04
CA MET A 251 10.16 2.59 0.35
C MET A 251 9.19 3.74 0.46
N MET A 252 8.63 4.15 -0.67
CA MET A 252 7.66 5.23 -0.69
C MET A 252 6.27 4.62 -0.58
N TYR A 253 5.32 5.43 -0.12
CA TYR A 253 3.94 4.95 0.06
C TYR A 253 2.95 5.97 -0.49
N GLN A 254 1.93 5.47 -1.16
CA GLN A 254 0.91 6.35 -1.72
C GLN A 254 -0.36 5.58 -2.00
N GLU A 255 -1.49 6.25 -1.87
CA GLU A 255 -2.79 5.64 -2.12
C GLU A 255 -3.53 6.52 -3.13
N GLY A 256 -4.17 5.90 -4.12
CA GLY A 256 -4.88 6.66 -5.14
C GLY A 256 -5.37 5.87 -6.35
N LYS A 257 -5.89 6.58 -7.34
CA LYS A 257 -6.38 5.92 -8.54
C LYS A 257 -5.27 5.84 -9.58
N PHE A 258 -5.08 4.64 -10.13
CA PHE A 258 -4.04 4.42 -11.12
C PHE A 258 -4.55 3.40 -12.11
N ARG A 259 -4.11 3.51 -13.35
CA ARG A 259 -4.53 2.52 -14.34
C ARG A 259 -3.71 1.30 -13.95
N TYR A 260 -4.39 0.22 -13.61
CA TYR A 260 -3.74 -0.98 -13.14
C TYR A 260 -4.37 -2.23 -13.74
N ARG A 261 -3.80 -3.38 -13.39
CA ARG A 261 -4.31 -4.66 -13.84
C ARG A 261 -3.36 -5.81 -13.52
N ARG A 262 -3.88 -6.77 -12.79
CA ARG A 262 -3.13 -7.97 -12.45
C ARG A 262 -3.50 -8.93 -13.56
N VAL A 263 -2.52 -9.44 -14.28
CA VAL A 263 -2.80 -10.33 -15.39
C VAL A 263 -2.40 -11.76 -15.15
N ALA A 264 -2.30 -12.52 -16.24
CA ALA A 264 -1.92 -13.92 -16.19
C ALA A 264 -0.83 -14.21 -15.18
N GLU A 265 -1.00 -15.32 -14.47
CA GLU A 265 -0.04 -15.79 -13.47
C GLU A 265 0.21 -14.82 -12.31
N GLY A 266 -0.69 -13.87 -12.12
CA GLY A 266 -0.53 -12.94 -11.01
C GLY A 266 0.41 -11.79 -11.22
N THR A 267 0.81 -11.56 -12.47
CA THR A 267 1.72 -10.47 -12.77
C THR A 267 0.94 -9.17 -12.68
N GLN A 268 1.58 -8.13 -12.15
CA GLN A 268 0.93 -6.83 -12.03
C GLN A 268 1.52 -5.79 -13.00
N VAL A 269 0.64 -5.01 -13.62
CA VAL A 269 1.03 -3.96 -14.54
C VAL A 269 0.43 -2.68 -13.98
N LEU A 270 1.29 -1.83 -13.44
CA LEU A 270 0.86 -0.58 -12.84
C LEU A 270 1.40 0.60 -13.65
N GLU A 271 0.54 1.57 -13.98
CA GLU A 271 0.99 2.72 -14.75
C GLU A 271 1.08 3.99 -13.91
N LEU A 272 2.24 4.62 -13.92
CA LEU A 272 2.45 5.86 -13.15
C LEU A 272 2.63 7.04 -14.10
N PRO A 273 1.56 7.84 -14.28
CA PRO A 273 1.57 9.01 -15.16
C PRO A 273 2.33 10.20 -14.59
N PHE A 274 3.03 10.92 -15.46
CA PHE A 274 3.77 12.10 -15.08
C PHE A 274 2.90 13.29 -15.41
N LYS A 275 3.19 14.46 -14.83
CA LYS A 275 2.40 15.65 -15.12
C LYS A 275 2.25 15.82 -16.64
N GLY A 276 1.00 15.87 -17.10
CA GLY A 276 0.74 16.01 -18.52
C GLY A 276 0.08 14.78 -19.09
N ASP A 277 0.49 13.61 -18.61
CA ASP A 277 -0.05 12.33 -19.07
C ASP A 277 0.50 11.82 -20.40
N ASP A 278 1.41 12.57 -21.02
CA ASP A 278 1.99 12.14 -22.29
C ASP A 278 3.18 11.20 -22.07
N ILE A 279 3.65 11.13 -20.83
CA ILE A 279 4.77 10.26 -20.48
C ILE A 279 4.51 9.54 -19.17
N THR A 280 4.48 8.22 -19.22
CA THR A 280 4.21 7.43 -18.02
C THR A 280 5.28 6.39 -17.73
N MET A 281 5.35 5.99 -16.47
CA MET A 281 6.30 4.95 -16.08
C MET A 281 5.44 3.73 -15.87
N VAL A 282 5.80 2.62 -16.50
CA VAL A 282 5.04 1.39 -16.33
C VAL A 282 5.89 0.40 -15.57
N LEU A 283 5.34 -0.13 -14.49
CA LEU A 283 6.03 -1.12 -13.68
C LEU A 283 5.42 -2.49 -14.01
N ILE A 284 6.24 -3.52 -13.94
CA ILE A 284 5.73 -4.86 -14.18
C ILE A 284 6.40 -5.77 -13.16
N LEU A 285 5.57 -6.37 -12.30
CA LEU A 285 6.09 -7.26 -11.29
C LEU A 285 5.35 -8.57 -11.31
N PRO A 286 6.08 -9.69 -11.38
CA PRO A 286 5.52 -11.03 -11.42
C PRO A 286 5.00 -11.34 -10.02
N LYS A 287 4.11 -12.33 -9.92
CA LYS A 287 3.56 -12.72 -8.63
C LYS A 287 4.70 -13.15 -7.72
N PRO A 288 4.54 -12.97 -6.40
CA PRO A 288 5.59 -13.35 -5.45
C PRO A 288 6.06 -14.79 -5.67
N GLU A 289 7.37 -14.99 -5.64
CA GLU A 289 7.98 -16.30 -5.83
C GLU A 289 8.11 -16.69 -7.30
N LYS A 290 7.33 -16.05 -8.16
CA LYS A 290 7.41 -16.31 -9.61
C LYS A 290 8.64 -15.58 -10.14
N SER A 291 9.26 -16.13 -11.18
CA SER A 291 10.46 -15.52 -11.75
C SER A 291 10.20 -14.55 -12.89
N LEU A 292 10.92 -13.44 -12.88
CA LEU A 292 10.79 -12.41 -13.89
C LEU A 292 11.27 -12.88 -15.27
N ALA A 293 12.25 -13.78 -15.27
CA ALA A 293 12.82 -14.32 -16.49
C ALA A 293 11.76 -14.90 -17.43
N LYS A 294 10.73 -15.48 -16.84
CA LYS A 294 9.67 -16.07 -17.66
C LYS A 294 8.90 -15.01 -18.41
N VAL A 295 8.80 -13.82 -17.80
CA VAL A 295 8.09 -12.70 -18.40
C VAL A 295 8.89 -12.10 -19.56
N GLU A 296 10.17 -11.90 -19.30
CA GLU A 296 11.10 -11.33 -20.25
C GLU A 296 11.22 -12.11 -21.56
N LYS A 297 11.10 -13.42 -21.49
CA LYS A 297 11.21 -14.25 -22.68
C LYS A 297 9.99 -14.13 -23.58
N GLU A 298 8.91 -13.58 -23.05
CA GLU A 298 7.69 -13.42 -23.81
C GLU A 298 7.37 -11.95 -24.09
N LEU A 299 8.28 -11.07 -23.69
CA LEU A 299 8.10 -9.64 -23.90
C LEU A 299 8.11 -9.33 -25.38
N THR A 300 7.15 -8.52 -25.82
CA THR A 300 7.00 -8.16 -27.22
C THR A 300 6.19 -6.88 -27.30
N PRO A 301 6.28 -6.14 -28.42
CA PRO A 301 5.51 -4.91 -28.55
C PRO A 301 4.02 -5.16 -28.36
N GLU A 302 3.52 -6.26 -28.93
CA GLU A 302 2.11 -6.63 -28.81
C GLU A 302 1.81 -7.04 -27.38
N VAL A 303 2.62 -7.93 -26.83
CA VAL A 303 2.44 -8.37 -25.46
C VAL A 303 2.27 -7.14 -24.57
N LEU A 304 3.20 -6.21 -24.71
CA LEU A 304 3.21 -4.97 -23.95
C LEU A 304 1.94 -4.18 -24.23
N GLN A 305 1.56 -4.10 -25.50
CA GLN A 305 0.38 -3.37 -25.86
C GLN A 305 -0.82 -4.00 -25.16
N GLU A 306 -0.87 -5.32 -25.17
CA GLU A 306 -1.96 -6.04 -24.54
C GLU A 306 -2.16 -5.49 -23.15
N TRP A 307 -1.18 -5.71 -22.27
CA TRP A 307 -1.24 -5.22 -20.90
C TRP A 307 -1.70 -3.78 -20.86
N LEU A 308 -1.06 -2.93 -21.65
CA LEU A 308 -1.40 -1.51 -21.68
C LEU A 308 -2.88 -1.26 -21.93
N ASP A 309 -3.54 -2.22 -22.58
CA ASP A 309 -4.97 -2.09 -22.86
C ASP A 309 -5.82 -2.53 -21.68
N GLU A 310 -5.60 -3.74 -21.21
CA GLU A 310 -6.36 -4.29 -20.09
C GLU A 310 -6.27 -3.50 -18.77
N LEU A 311 -5.61 -2.35 -18.79
CA LEU A 311 -5.50 -1.54 -17.57
C LEU A 311 -6.80 -0.79 -17.33
N GLU A 312 -7.19 -0.67 -16.07
CA GLU A 312 -8.42 0.03 -15.69
C GLU A 312 -8.11 0.97 -14.52
N GLU A 313 -8.79 2.10 -14.46
CA GLU A 313 -8.60 3.05 -13.36
C GLU A 313 -8.94 2.31 -12.08
N MET A 314 -8.11 2.42 -11.05
CA MET A 314 -8.43 1.74 -9.80
C MET A 314 -7.80 2.36 -8.57
N MET A 315 -8.45 2.15 -7.43
CA MET A 315 -7.96 2.66 -6.16
C MET A 315 -7.02 1.60 -5.62
N LEU A 316 -5.75 1.93 -5.54
CA LEU A 316 -4.79 0.96 -5.02
C LEU A 316 -3.74 1.66 -4.19
N VAL A 317 -3.05 0.88 -3.37
CA VAL A 317 -1.98 1.40 -2.55
C VAL A 317 -0.72 1.04 -3.30
N VAL A 318 0.22 1.98 -3.37
CA VAL A 318 1.49 1.74 -4.07
C VAL A 318 2.70 1.88 -3.18
N HIS A 319 3.48 0.81 -3.08
CA HIS A 319 4.72 0.83 -2.32
C HIS A 319 5.78 0.80 -3.41
N MET A 320 6.70 1.75 -3.39
CA MET A 320 7.76 1.81 -4.40
C MET A 320 9.02 2.46 -3.85
N PRO A 321 10.17 1.79 -4.01
CA PRO A 321 11.45 2.31 -3.53
C PRO A 321 11.94 3.61 -4.16
N ARG A 322 12.53 4.47 -3.31
CA ARG A 322 13.13 5.72 -3.72
C ARG A 322 14.51 5.23 -4.10
N PHE A 323 14.88 5.35 -5.38
CA PHE A 323 16.18 4.82 -5.79
C PHE A 323 16.75 5.46 -7.05
N ARG A 324 17.80 4.85 -7.56
CA ARG A 324 18.47 5.26 -8.79
C ARG A 324 19.37 4.12 -9.24
N ILE A 325 19.49 3.94 -10.54
CA ILE A 325 20.35 2.89 -11.04
C ILE A 325 21.10 3.38 -12.28
N GLU A 326 22.35 2.94 -12.41
CA GLU A 326 23.21 3.32 -13.52
C GLU A 326 23.64 2.03 -14.17
N ASP A 327 23.67 2.01 -15.49
CA ASP A 327 24.05 0.82 -16.21
C ASP A 327 24.83 1.27 -17.45
N GLY A 328 25.83 0.50 -17.85
CA GLY A 328 26.64 0.84 -19.01
C GLY A 328 27.11 -0.46 -19.62
N PHE A 329 27.39 -0.46 -20.92
CA PHE A 329 27.82 -1.70 -21.57
C PHE A 329 28.11 -1.56 -23.06
N SER A 330 28.69 -2.60 -23.63
CA SER A 330 28.99 -2.62 -25.04
C SER A 330 27.77 -3.21 -25.72
N LEU A 331 27.55 -2.83 -26.97
CA LEU A 331 26.39 -3.33 -27.69
C LEU A 331 26.80 -4.25 -28.82
N LYS A 332 28.08 -4.25 -29.17
CA LYS A 332 28.54 -5.07 -30.29
C LYS A 332 28.03 -6.50 -30.20
N GLU A 333 28.36 -7.17 -29.10
CA GLU A 333 27.99 -8.55 -28.82
C GLU A 333 26.54 -8.89 -29.20
N GLN A 334 25.59 -8.27 -28.50
CA GLN A 334 24.16 -8.50 -28.73
C GLN A 334 23.75 -8.17 -30.16
N LEU A 335 24.23 -7.04 -30.64
CA LEU A 335 23.91 -6.58 -31.98
C LEU A 335 24.38 -7.56 -33.05
N GLN A 336 25.53 -8.19 -32.83
CA GLN A 336 26.04 -9.14 -33.82
C GLN A 336 25.03 -10.29 -33.86
N ASP A 337 24.73 -10.84 -32.68
CA ASP A 337 23.78 -11.93 -32.56
C ASP A 337 22.45 -11.58 -33.17
N MET A 338 22.06 -10.33 -33.10
CA MET A 338 20.78 -9.89 -33.64
C MET A 338 20.75 -9.73 -35.15
N GLY A 339 21.93 -9.83 -35.78
CA GLY A 339 22.01 -9.69 -37.22
C GLY A 339 23.03 -8.68 -37.74
N LEU A 340 23.49 -7.76 -36.89
CA LEU A 340 24.48 -6.77 -37.31
C LEU A 340 25.86 -7.38 -37.36
N VAL A 341 26.30 -7.81 -38.54
CA VAL A 341 27.61 -8.41 -38.65
C VAL A 341 28.60 -7.57 -39.44
N ASP A 342 28.24 -7.22 -40.66
CA ASP A 342 29.11 -6.42 -41.52
C ASP A 342 29.73 -5.25 -40.77
N LEU A 343 28.90 -4.27 -40.42
CA LEU A 343 29.32 -3.06 -39.71
C LEU A 343 30.49 -3.16 -38.74
N PHE A 344 30.63 -4.30 -38.06
CA PHE A 344 31.72 -4.46 -37.11
C PHE A 344 32.94 -5.15 -37.69
N SER A 345 32.81 -5.64 -38.92
CA SER A 345 33.86 -6.35 -39.63
C SER A 345 34.83 -5.45 -40.41
N PRO A 346 36.08 -5.35 -39.93
CA PRO A 346 37.08 -4.52 -40.61
C PRO A 346 37.19 -4.92 -42.08
N GLU A 347 36.68 -6.10 -42.40
CA GLU A 347 36.73 -6.60 -43.77
C GLU A 347 35.47 -6.30 -44.55
N LYS A 348 34.32 -6.70 -43.99
CA LYS A 348 33.03 -6.52 -44.66
C LYS A 348 32.32 -5.18 -44.52
N SER A 349 32.62 -4.43 -43.45
CA SER A 349 31.96 -3.14 -43.23
C SER A 349 31.92 -2.25 -44.48
N LYS A 350 30.79 -1.58 -44.73
CA LYS A 350 30.64 -0.70 -45.89
C LYS A 350 30.00 0.66 -45.58
N LEU A 351 30.84 1.64 -45.30
CA LEU A 351 30.38 2.98 -44.99
C LEU A 351 31.11 4.03 -45.83
N PRO A 352 30.95 3.94 -47.16
CA PRO A 352 31.58 4.86 -48.12
C PRO A 352 31.18 6.34 -48.00
N GLY A 353 29.89 6.58 -47.84
CA GLY A 353 29.39 7.95 -47.76
C GLY A 353 29.84 8.86 -46.62
N ILE A 354 30.73 8.39 -45.76
CA ILE A 354 31.16 9.24 -44.65
C ILE A 354 32.38 10.09 -45.01
N VAL A 355 33.52 9.43 -45.18
CA VAL A 355 34.75 10.13 -45.54
C VAL A 355 34.87 10.22 -47.05
N ALA A 356 35.12 11.42 -47.55
CA ALA A 356 35.27 11.63 -48.99
C ALA A 356 36.70 11.35 -49.40
N GLU A 357 37.62 11.97 -48.66
CA GLU A 357 39.06 11.83 -48.91
C GLU A 357 39.81 11.88 -47.59
N GLY A 358 40.68 10.89 -47.38
CA GLY A 358 41.44 10.84 -46.15
C GLY A 358 41.85 9.42 -45.78
N ARG A 359 40.96 8.70 -45.09
CA ARG A 359 41.23 7.33 -44.66
C ARG A 359 39.96 6.49 -44.65
N ASP A 360 39.60 5.89 -45.78
CA ASP A 360 38.40 5.07 -45.84
C ASP A 360 38.59 3.58 -45.46
N ASP A 361 37.60 2.75 -45.82
CA ASP A 361 37.61 1.34 -45.47
C ASP A 361 37.30 1.31 -43.97
N LEU A 362 36.24 2.03 -43.63
CA LEU A 362 35.74 2.20 -42.26
C LEU A 362 34.88 1.03 -41.81
N TYR A 363 34.84 0.84 -40.49
CA TYR A 363 34.07 -0.21 -39.85
C TYR A 363 33.89 0.27 -38.41
N VAL A 364 32.90 -0.26 -37.69
CA VAL A 364 32.69 0.16 -36.31
C VAL A 364 33.47 -0.70 -35.33
N SER A 365 34.40 -0.07 -34.61
CA SER A 365 35.21 -0.79 -33.65
C SER A 365 34.29 -1.32 -32.57
N ASP A 366 33.48 -0.43 -32.02
CA ASP A 366 32.58 -0.81 -30.96
C ASP A 366 31.49 0.23 -30.82
N ALA A 367 30.54 -0.03 -29.93
CA ALA A 367 29.43 0.88 -29.66
C ALA A 367 29.08 0.75 -28.18
N PHE A 368 28.97 1.89 -27.50
CA PHE A 368 28.67 1.88 -26.09
C PHE A 368 27.38 2.64 -25.80
N HIS A 369 26.73 2.24 -24.71
CA HIS A 369 25.49 2.86 -24.23
C HIS A 369 25.68 3.00 -22.74
N LYS A 370 24.94 3.94 -22.14
CA LYS A 370 25.01 4.18 -20.69
C LYS A 370 23.74 4.95 -20.33
N ALA A 371 23.01 4.42 -19.36
CA ALA A 371 21.75 5.02 -18.94
C ALA A 371 21.76 5.27 -17.46
N PHE A 372 20.80 6.08 -17.02
CA PHE A 372 20.66 6.46 -15.62
C PHE A 372 19.21 6.72 -15.28
N LEU A 373 18.78 6.15 -14.15
CA LEU A 373 17.41 6.34 -13.71
C LEU A 373 17.37 6.69 -12.23
N GLU A 374 16.61 7.71 -11.89
CA GLU A 374 16.45 8.09 -10.50
C GLU A 374 14.96 8.35 -10.26
N VAL A 375 14.43 7.76 -9.19
CA VAL A 375 13.02 7.90 -8.85
C VAL A 375 12.82 8.30 -7.41
N ASN A 376 11.96 9.28 -7.19
CA ASN A 376 11.68 9.74 -5.84
C ASN A 376 10.22 10.20 -5.70
N GLU A 377 9.95 10.92 -4.62
CA GLU A 377 8.61 11.41 -4.36
C GLU A 377 8.11 12.39 -5.41
N GLU A 378 8.96 13.33 -5.80
CA GLU A 378 8.58 14.35 -6.79
C GLU A 378 8.30 13.76 -8.16
N GLY A 379 9.19 12.88 -8.63
CA GLY A 379 8.99 12.27 -9.93
C GLY A 379 10.13 11.35 -10.31
N SER A 380 10.50 11.37 -11.58
CA SER A 380 11.59 10.52 -12.05
C SER A 380 12.56 11.25 -12.98
N GLU A 381 13.81 10.80 -13.02
CA GLU A 381 14.84 11.40 -13.88
C GLU A 381 15.65 10.31 -14.56
N ALA A 382 15.62 10.25 -15.89
CA ALA A 382 16.36 9.24 -16.64
C ALA A 382 17.15 9.89 -17.77
N ALA A 383 18.36 9.39 -17.99
CA ALA A 383 19.24 9.91 -19.04
C ALA A 383 20.00 8.77 -19.69
N ALA A 384 20.37 8.94 -20.95
CA ALA A 384 21.11 7.90 -21.65
C ALA A 384 21.95 8.46 -22.80
N SER A 385 22.85 7.64 -23.31
CA SER A 385 23.67 8.05 -24.43
C SER A 385 24.23 6.86 -25.20
N THR A 386 24.39 7.02 -26.51
CA THR A 386 24.95 5.98 -27.33
C THR A 386 26.08 6.54 -28.17
N ALA A 387 27.17 5.81 -28.25
CA ALA A 387 28.30 6.28 -29.02
C ALA A 387 28.83 5.17 -29.87
N VAL A 388 28.79 5.34 -31.18
CA VAL A 388 29.28 4.36 -32.13
C VAL A 388 30.67 4.83 -32.52
N VAL A 389 31.65 3.94 -32.44
CA VAL A 389 33.03 4.29 -32.75
C VAL A 389 33.58 3.67 -34.04
N ILE A 390 34.04 4.54 -34.94
CA ILE A 390 34.59 4.10 -36.21
C ILE A 390 36.11 3.96 -36.15
N ALA A 391 36.60 2.81 -36.61
CA ALA A 391 38.02 2.51 -36.68
C ALA A 391 38.79 2.67 -35.39
N GLY A 392 38.13 2.51 -34.25
CA GLY A 392 38.83 2.64 -32.99
C GLY A 392 39.24 1.27 -32.47
N ARG A 393 39.53 1.16 -31.18
CA ARG A 393 39.89 -0.12 -30.62
C ARG A 393 38.66 -0.75 -29.98
N SER A 394 38.49 -2.05 -30.18
CA SER A 394 37.33 -2.74 -29.62
C SER A 394 37.62 -3.23 -28.20
N LEU A 395 37.36 -2.37 -27.22
CA LEU A 395 37.60 -2.72 -25.83
C LEU A 395 36.81 -3.95 -25.42
N ASN A 396 37.47 -4.86 -24.72
CA ASN A 396 36.85 -6.08 -24.25
C ASN A 396 35.65 -5.70 -23.37
N PRO A 397 34.50 -6.36 -23.57
CA PRO A 397 33.28 -6.09 -22.81
C PRO A 397 33.52 -5.76 -21.34
N ASN A 398 33.11 -4.55 -20.94
CA ASN A 398 33.28 -4.10 -19.56
C ASN A 398 32.31 -4.90 -18.69
N ARG A 399 32.19 -4.52 -17.42
CA ARG A 399 31.27 -5.22 -16.51
C ARG A 399 31.32 -4.71 -15.08
N VAL A 400 30.18 -4.77 -14.42
CA VAL A 400 30.02 -4.33 -13.02
C VAL A 400 28.79 -5.05 -12.45
N THR A 401 29.02 -6.17 -11.77
CA THR A 401 27.94 -6.98 -11.20
C THR A 401 27.58 -6.64 -9.75
N PHE A 402 26.44 -7.15 -9.31
CA PHE A 402 25.95 -6.96 -7.95
C PHE A 402 24.54 -7.56 -7.83
N LYS A 403 24.47 -8.88 -7.94
CA LYS A 403 23.20 -9.59 -7.85
C LYS A 403 22.35 -9.06 -6.69
N ALA A 404 21.05 -8.91 -6.91
CA ALA A 404 20.12 -8.43 -5.89
C ALA A 404 18.98 -9.44 -5.81
N ASN A 405 17.74 -8.98 -5.96
CA ASN A 405 16.61 -9.90 -5.90
C ASN A 405 15.27 -9.23 -6.13
N ARG A 406 14.24 -10.06 -6.35
CA ARG A 406 12.88 -9.59 -6.59
C ARG A 406 12.80 -8.34 -7.46
N PRO A 407 13.32 -8.43 -8.69
CA PRO A 407 13.30 -7.29 -9.61
C PRO A 407 11.95 -7.09 -10.30
N PHE A 408 11.79 -5.90 -10.88
CA PHE A 408 10.59 -5.58 -11.64
C PHE A 408 10.99 -4.80 -12.89
N LEU A 409 10.18 -4.93 -13.94
CA LEU A 409 10.46 -4.22 -15.17
C LEU A 409 9.98 -2.77 -15.06
N VAL A 410 10.61 -1.89 -15.83
CA VAL A 410 10.24 -0.49 -15.84
C VAL A 410 10.16 0.02 -17.26
N PHE A 411 9.29 0.99 -17.49
CA PHE A 411 9.17 1.57 -18.81
C PHE A 411 8.80 3.03 -18.65
N ILE A 412 9.35 3.86 -19.52
CA ILE A 412 9.02 5.29 -19.52
C ILE A 412 8.71 5.48 -20.97
N ARG A 413 7.44 5.64 -21.30
CA ARG A 413 7.05 5.79 -22.69
C ARG A 413 6.28 7.06 -22.95
N GLU A 414 6.17 7.37 -24.23
CA GLU A 414 5.42 8.53 -24.70
C GLU A 414 4.20 7.88 -25.31
N VAL A 415 3.06 8.06 -24.64
CA VAL A 415 1.79 7.46 -25.05
C VAL A 415 1.27 7.88 -26.43
N PRO A 416 1.18 9.21 -26.66
CA PRO A 416 0.68 9.67 -27.96
C PRO A 416 1.47 9.04 -29.11
N LEU A 417 2.79 9.03 -28.96
CA LEU A 417 3.69 8.51 -29.97
C LEU A 417 4.04 7.01 -29.85
N ASN A 418 3.55 6.35 -28.80
CA ASN A 418 3.80 4.93 -28.65
C ASN A 418 5.30 4.59 -28.70
N THR A 419 6.10 5.38 -27.98
CA THR A 419 7.55 5.21 -27.98
C THR A 419 8.16 4.85 -26.64
N ILE A 420 8.90 3.74 -26.60
CA ILE A 420 9.60 3.31 -25.39
C ILE A 420 10.90 4.12 -25.31
N ILE A 421 10.91 5.16 -24.50
CA ILE A 421 12.05 6.03 -24.32
C ILE A 421 13.14 5.36 -23.48
N PHE A 422 12.72 4.72 -22.40
CA PHE A 422 13.64 4.00 -21.52
C PHE A 422 12.93 2.73 -21.09
N MET A 423 13.73 1.73 -20.75
CA MET A 423 13.22 0.46 -20.27
C MET A 423 14.28 -0.18 -19.42
N GLY A 424 13.89 -1.18 -18.63
CA GLY A 424 14.87 -1.84 -17.78
C GLY A 424 14.32 -2.65 -16.64
N ARG A 425 15.24 -3.25 -15.91
CA ARG A 425 14.90 -4.10 -14.78
C ARG A 425 15.51 -3.55 -13.50
N VAL A 426 14.69 -2.92 -12.67
CA VAL A 426 15.16 -2.39 -11.40
C VAL A 426 15.25 -3.53 -10.39
N ALA A 427 16.47 -3.95 -10.04
CA ALA A 427 16.63 -5.03 -9.09
C ALA A 427 17.20 -4.60 -7.75
N ASN A 428 18.02 -3.56 -7.72
CA ASN A 428 18.58 -3.17 -6.44
C ASN A 428 18.17 -1.79 -5.93
N PRO A 429 17.22 -1.76 -5.00
CA PRO A 429 16.66 -0.55 -4.38
C PRO A 429 17.56 0.07 -3.31
N CYS A 430 18.70 -0.56 -3.03
CA CYS A 430 19.61 -0.03 -2.02
C CYS A 430 20.54 1.03 -2.59
N VAL A 431 20.54 1.16 -3.91
CA VAL A 431 21.37 2.15 -4.59
C VAL A 431 22.71 2.38 -3.89
N VAL B 5 -21.21 25.11 31.26
CA VAL B 5 -20.53 24.09 32.06
C VAL B 5 -20.36 22.77 31.31
N ASP B 6 -19.32 22.69 30.49
CA ASP B 6 -19.04 21.47 29.72
C ASP B 6 -18.35 20.44 30.60
N ILE B 7 -19.03 19.31 30.79
CA ILE B 7 -18.51 18.25 31.62
C ILE B 7 -17.13 17.75 31.21
N CYS B 8 -16.85 17.75 29.90
CA CYS B 8 -15.57 17.27 29.40
C CYS B 8 -14.39 18.11 29.81
N THR B 9 -14.66 19.31 30.29
CA THR B 9 -13.58 20.21 30.71
C THR B 9 -13.81 20.60 32.17
N ALA B 10 -14.84 20.01 32.77
CA ALA B 10 -15.19 20.30 34.14
C ALA B 10 -14.34 19.63 35.21
N LYS B 11 -14.18 20.34 36.32
CA LYS B 11 -13.45 19.85 37.50
C LYS B 11 -14.51 19.07 38.29
N PRO B 12 -14.08 18.09 39.10
CA PRO B 12 -15.11 17.37 39.84
C PRO B 12 -16.06 18.27 40.64
N ARG B 13 -15.56 19.43 41.08
CA ARG B 13 -16.39 20.37 41.84
C ARG B 13 -17.52 20.97 40.99
N ASP B 14 -17.36 20.94 39.67
CA ASP B 14 -18.36 21.51 38.77
C ASP B 14 -19.50 20.55 38.44
N ILE B 15 -19.44 19.33 38.98
CA ILE B 15 -20.48 18.36 38.68
C ILE B 15 -21.00 17.66 39.94
N PRO B 16 -21.89 18.32 40.68
CA PRO B 16 -22.46 17.74 41.91
C PRO B 16 -23.21 16.45 41.62
N MET B 17 -22.73 15.35 42.20
CA MET B 17 -23.39 14.06 42.00
C MET B 17 -24.61 13.85 42.91
N ASN B 18 -24.59 14.44 44.10
CA ASN B 18 -25.68 14.30 45.06
C ASN B 18 -26.42 12.96 44.92
N PRO B 19 -25.68 11.84 45.01
CA PRO B 19 -26.33 10.55 44.88
C PRO B 19 -27.08 10.15 46.15
N MET B 20 -28.09 9.30 45.97
CA MET B 20 -28.91 8.81 47.08
C MET B 20 -28.02 8.16 48.14
N CYS B 21 -27.06 7.37 47.68
CA CYS B 21 -26.16 6.67 48.59
C CYS B 21 -24.70 6.72 48.15
N ILE B 22 -23.83 6.26 49.02
CA ILE B 22 -22.39 6.27 48.77
C ILE B 22 -21.68 5.03 49.28
N TYR B 23 -20.58 4.67 48.61
CA TYR B 23 -19.75 3.53 48.97
C TYR B 23 -18.26 3.90 48.87
N ARG B 24 -17.48 3.49 49.86
CA ARG B 24 -16.04 3.78 49.86
C ARG B 24 -15.26 2.53 49.46
N SER B 25 -14.59 2.58 48.30
CA SER B 25 -13.79 1.46 47.85
C SER B 25 -12.70 1.24 48.91
N PRO B 26 -12.35 -0.02 49.21
CA PRO B 26 -11.33 -0.35 50.20
C PRO B 26 -9.92 0.18 49.92
N GLU B 27 -8.93 -0.60 50.38
CA GLU B 27 -7.51 -0.27 50.27
C GLU B 27 -7.26 1.22 50.07
N GLU B 42 3.03 6.50 29.53
CA GLU B 42 1.89 7.23 30.07
C GLU B 42 2.05 8.73 29.93
N ALA B 43 0.92 9.43 30.06
CA ALA B 43 0.86 10.89 29.97
C ALA B 43 -0.60 11.28 29.81
N THR B 44 -1.49 10.39 30.22
CA THR B 44 -2.93 10.61 30.12
C THR B 44 -3.50 10.96 31.49
N ASN B 45 -4.81 10.83 31.64
CA ASN B 45 -5.48 11.12 32.89
C ASN B 45 -5.39 9.99 33.91
N ARG B 46 -4.70 10.27 35.00
CA ARG B 46 -4.51 9.32 36.09
C ARG B 46 -5.79 8.52 36.39
N ARG B 47 -6.91 9.24 36.54
CA ARG B 47 -8.19 8.61 36.86
C ARG B 47 -8.86 7.84 35.73
N VAL B 48 -8.87 8.38 34.51
CA VAL B 48 -9.51 7.66 33.42
C VAL B 48 -8.62 6.47 33.12
N TRP B 49 -7.36 6.56 33.54
CA TRP B 49 -6.43 5.47 33.33
C TRP B 49 -6.86 4.34 34.26
N GLU B 50 -7.19 4.71 35.49
CA GLU B 50 -7.63 3.77 36.50
C GLU B 50 -8.99 3.15 36.17
N LEU B 51 -9.95 3.97 35.75
CA LEU B 51 -11.26 3.43 35.41
C LEU B 51 -11.10 2.48 34.21
N SER B 52 -10.11 2.78 33.38
CA SER B 52 -9.81 1.96 32.22
C SER B 52 -9.34 0.60 32.70
N LYS B 53 -8.48 0.60 33.72
CA LYS B 53 -7.98 -0.65 34.29
C LYS B 53 -9.17 -1.41 34.86
N ALA B 54 -10.06 -0.65 35.50
CA ALA B 54 -11.25 -1.22 36.09
C ALA B 54 -12.06 -1.96 35.05
N ASN B 55 -12.56 -1.22 34.04
CA ASN B 55 -13.37 -1.83 32.99
C ASN B 55 -12.72 -3.04 32.36
N SER B 56 -11.40 -3.05 32.29
CA SER B 56 -10.70 -4.18 31.70
C SER B 56 -10.70 -5.40 32.62
N ARG B 57 -10.61 -5.16 33.92
CA ARG B 57 -10.63 -6.27 34.84
C ARG B 57 -12.00 -6.95 34.69
N PHE B 58 -13.03 -6.16 34.45
CA PHE B 58 -14.35 -6.74 34.29
C PHE B 58 -14.47 -7.51 32.99
N ALA B 59 -13.93 -6.92 31.93
CA ALA B 59 -13.99 -7.53 30.60
C ALA B 59 -13.42 -8.94 30.57
N THR B 60 -12.18 -9.08 31.03
CA THR B 60 -11.51 -10.38 31.05
C THR B 60 -12.25 -11.38 31.95
N THR B 61 -12.52 -10.97 33.18
CA THR B 61 -13.21 -11.83 34.11
C THR B 61 -14.54 -12.26 33.54
N PHE B 62 -15.31 -11.29 33.06
CA PHE B 62 -16.62 -11.59 32.47
C PHE B 62 -16.48 -12.41 31.21
N TYR B 63 -15.48 -12.12 30.39
CA TYR B 63 -15.28 -12.88 29.16
C TYR B 63 -14.94 -14.33 29.51
N GLN B 64 -14.12 -14.52 30.54
CA GLN B 64 -13.75 -15.86 30.97
C GLN B 64 -14.99 -16.64 31.32
N HIS B 65 -15.81 -16.05 32.18
CA HIS B 65 -17.05 -16.68 32.60
C HIS B 65 -17.88 -17.03 31.39
N LEU B 66 -18.11 -16.02 30.55
CA LEU B 66 -18.92 -16.20 29.37
C LEU B 66 -18.42 -17.35 28.53
N ALA B 67 -17.12 -17.36 28.23
CA ALA B 67 -16.56 -18.40 27.39
C ALA B 67 -16.65 -19.78 28.04
N ASP B 68 -16.47 -19.83 29.34
CA ASP B 68 -16.53 -21.10 30.04
C ASP B 68 -17.91 -21.72 29.87
N SER B 69 -18.94 -20.90 29.79
CA SER B 69 -20.31 -21.38 29.62
C SER B 69 -20.67 -21.68 28.17
N LYS B 70 -19.70 -21.45 27.27
CA LYS B 70 -19.93 -21.68 25.84
C LYS B 70 -19.09 -22.83 25.33
N ASN B 71 -19.61 -23.49 24.31
CA ASN B 71 -18.91 -24.61 23.69
C ASN B 71 -17.74 -24.04 22.89
N ASP B 72 -16.61 -24.76 22.87
CA ASP B 72 -15.40 -24.31 22.18
C ASP B 72 -15.48 -23.96 20.69
N ASN B 73 -16.52 -24.42 20.00
CA ASN B 73 -16.67 -24.14 18.57
C ASN B 73 -17.59 -22.95 18.32
N ASP B 74 -18.07 -22.34 19.40
CA ASP B 74 -18.97 -21.22 19.25
C ASP B 74 -18.18 -19.94 19.19
N ASN B 75 -18.60 -19.02 18.34
CA ASN B 75 -17.93 -17.74 18.24
C ASN B 75 -18.49 -16.89 19.39
N ILE B 76 -17.76 -15.87 19.79
CA ILE B 76 -18.23 -15.03 20.87
C ILE B 76 -17.92 -13.59 20.56
N PHE B 77 -18.87 -12.72 20.83
CA PHE B 77 -18.60 -11.31 20.62
C PHE B 77 -19.51 -10.50 21.53
N LEU B 78 -18.98 -9.40 22.04
CA LEU B 78 -19.72 -8.55 22.95
C LEU B 78 -18.91 -7.28 23.16
N SER B 79 -19.49 -6.34 23.90
CA SER B 79 -18.81 -5.09 24.19
C SER B 79 -18.77 -4.85 25.69
N PRO B 80 -17.67 -5.22 26.34
CA PRO B 80 -17.56 -5.01 27.79
C PRO B 80 -17.75 -3.56 28.16
N LEU B 81 -17.37 -2.65 27.28
CA LEU B 81 -17.51 -1.22 27.56
C LEU B 81 -18.98 -0.84 27.67
N SER B 82 -19.77 -1.29 26.69
CA SER B 82 -21.22 -1.06 26.66
C SER B 82 -21.81 -1.52 27.99
N ILE B 83 -21.56 -2.79 28.31
CA ILE B 83 -22.05 -3.43 29.52
C ILE B 83 -21.65 -2.72 30.80
N SER B 84 -20.37 -2.37 30.92
CA SER B 84 -19.90 -1.66 32.09
C SER B 84 -20.61 -0.32 32.17
N THR B 85 -20.82 0.29 31.00
CA THR B 85 -21.47 1.58 30.92
C THR B 85 -22.95 1.48 31.34
N ALA B 86 -23.60 0.40 30.92
CA ALA B 86 -24.99 0.21 31.26
C ALA B 86 -25.19 0.12 32.75
N PHE B 87 -24.50 -0.82 33.38
CA PHE B 87 -24.66 -0.99 34.82
C PHE B 87 -24.11 0.19 35.64
N ALA B 88 -23.22 0.95 35.04
CA ALA B 88 -22.69 2.10 35.75
C ALA B 88 -23.83 3.10 35.79
N MET B 89 -24.62 3.11 34.71
CA MET B 89 -25.75 4.01 34.62
C MET B 89 -26.79 3.62 35.66
N THR B 90 -26.97 2.31 35.83
CA THR B 90 -27.92 1.77 36.80
C THR B 90 -27.44 2.08 38.22
N LYS B 91 -26.15 1.88 38.44
CA LYS B 91 -25.55 2.12 39.74
C LYS B 91 -25.91 3.51 40.31
N LEU B 92 -26.17 4.47 39.41
CA LEU B 92 -26.51 5.84 39.82
C LEU B 92 -27.65 5.89 40.82
N GLY B 93 -28.61 4.98 40.70
CA GLY B 93 -29.72 4.98 41.64
C GLY B 93 -29.65 3.79 42.58
N ALA B 94 -28.53 3.07 42.56
CA ALA B 94 -28.35 1.89 43.39
C ALA B 94 -27.97 2.26 44.81
N CYS B 95 -28.30 1.38 45.75
CA CYS B 95 -27.99 1.66 47.14
C CYS B 95 -27.72 0.41 47.98
N ASN B 96 -27.02 0.61 49.09
CA ASN B 96 -26.70 -0.48 50.02
C ASN B 96 -25.95 -1.62 49.37
N ASP B 97 -26.40 -2.84 49.63
CA ASP B 97 -25.77 -4.02 49.07
C ASP B 97 -25.84 -4.13 47.56
N THR B 98 -26.83 -3.49 46.94
CA THR B 98 -26.95 -3.52 45.48
C THR B 98 -25.81 -2.64 44.95
N LEU B 99 -25.61 -1.53 45.63
CA LEU B 99 -24.57 -0.59 45.25
C LEU B 99 -23.19 -1.19 45.40
N GLN B 100 -22.95 -1.89 46.50
CA GLN B 100 -21.65 -2.50 46.70
C GLN B 100 -21.42 -3.57 45.64
N GLN B 101 -22.29 -4.57 45.62
CA GLN B 101 -22.18 -5.63 44.64
C GLN B 101 -21.87 -5.09 43.24
N LEU B 102 -22.56 -4.03 42.83
CA LEU B 102 -22.29 -3.43 41.53
C LEU B 102 -20.83 -2.94 41.52
N MET B 103 -20.47 -2.13 42.52
CA MET B 103 -19.11 -1.61 42.60
C MET B 103 -18.07 -2.72 42.53
N GLU B 104 -18.28 -3.77 43.32
CA GLU B 104 -17.35 -4.91 43.37
C GLU B 104 -17.30 -5.69 42.07
N VAL B 105 -18.46 -6.11 41.57
CA VAL B 105 -18.52 -6.91 40.35
C VAL B 105 -17.90 -6.21 39.15
N PHE B 106 -18.17 -4.92 38.97
CA PHE B 106 -17.61 -4.22 37.83
C PHE B 106 -16.27 -3.57 38.13
N LYS B 107 -15.58 -4.15 39.11
CA LYS B 107 -14.25 -3.72 39.54
C LYS B 107 -14.03 -2.22 39.80
N PHE B 108 -15.10 -1.45 39.94
CA PHE B 108 -14.89 -0.03 40.20
C PHE B 108 -14.31 0.12 41.59
N ASP B 109 -14.68 -0.80 42.48
CA ASP B 109 -14.22 -0.77 43.85
C ASP B 109 -12.71 -0.92 43.94
N THR B 110 -12.08 -1.23 42.81
CA THR B 110 -10.63 -1.41 42.78
C THR B 110 -9.88 -0.13 42.47
N ILE B 111 -10.49 1.02 42.77
CA ILE B 111 -9.84 2.30 42.56
C ILE B 111 -9.75 2.87 43.97
N SER B 112 -8.76 2.37 44.70
CA SER B 112 -8.50 2.73 46.10
C SER B 112 -9.09 4.01 46.69
N GLU B 113 -9.84 3.82 47.77
CA GLU B 113 -10.47 4.89 48.53
C GLU B 113 -11.34 5.85 47.74
N LYS B 114 -11.78 5.45 46.55
CA LYS B 114 -12.62 6.31 45.74
C LYS B 114 -14.09 6.00 46.00
N THR B 115 -14.87 7.04 46.25
CA THR B 115 -16.29 6.91 46.53
C THR B 115 -17.11 6.58 45.27
N SER B 116 -18.01 5.62 45.42
CA SER B 116 -18.87 5.18 44.32
C SER B 116 -19.29 6.29 43.35
N ASP B 117 -19.48 7.51 43.86
CA ASP B 117 -19.92 8.61 43.00
C ASP B 117 -18.81 9.19 42.13
N GLN B 118 -17.55 9.02 42.53
CA GLN B 118 -16.45 9.54 41.72
C GLN B 118 -16.34 8.73 40.42
N ILE B 119 -16.60 7.43 40.51
CA ILE B 119 -16.55 6.57 39.33
C ILE B 119 -17.28 7.25 38.16
N HIS B 120 -18.38 7.93 38.44
CA HIS B 120 -19.17 8.57 37.40
C HIS B 120 -18.51 9.78 36.74
N PHE B 121 -17.78 10.57 37.52
CA PHE B 121 -17.09 11.74 36.96
C PHE B 121 -16.05 11.17 36.01
N PHE B 122 -15.37 10.11 36.47
CA PHE B 122 -14.34 9.42 35.70
C PHE B 122 -14.94 8.89 34.40
N PHE B 123 -16.03 8.14 34.53
CA PHE B 123 -16.69 7.58 33.37
C PHE B 123 -17.07 8.69 32.42
N ALA B 124 -17.32 9.88 32.97
CA ALA B 124 -17.66 11.03 32.15
C ALA B 124 -16.41 11.39 31.32
N LYS B 125 -15.26 11.48 31.99
CA LYS B 125 -14.00 11.79 31.34
C LYS B 125 -13.61 10.73 30.32
N LEU B 126 -13.75 9.47 30.70
CA LEU B 126 -13.41 8.39 29.80
C LEU B 126 -14.24 8.50 28.52
N ASN B 127 -15.53 8.77 28.68
CA ASN B 127 -16.42 8.90 27.54
C ASN B 127 -16.04 10.04 26.61
N CYS B 128 -15.66 11.18 27.17
CA CYS B 128 -15.25 12.30 26.34
C CYS B 128 -14.14 11.88 25.41
N ARG B 129 -13.06 11.37 25.98
CA ARG B 129 -11.93 10.93 25.16
C ARG B 129 -12.35 9.93 24.09
N LEU B 130 -13.05 8.86 24.47
CA LEU B 130 -13.47 7.84 23.51
C LEU B 130 -14.28 8.36 22.34
N TYR B 131 -15.34 9.11 22.62
CA TYR B 131 -16.17 9.62 21.55
C TYR B 131 -15.82 11.08 21.25
N ARG B 132 -14.52 11.30 21.02
CA ARG B 132 -13.96 12.61 20.71
C ARG B 132 -14.66 13.27 19.54
N LYS B 133 -14.95 12.50 18.50
CA LYS B 133 -15.62 13.01 17.31
C LYS B 133 -14.77 14.03 16.56
N ALA B 134 -13.49 14.12 16.94
CA ALA B 134 -12.58 15.05 16.30
C ALA B 134 -12.39 14.72 14.82
N ASN B 135 -11.43 15.39 14.20
CA ASN B 135 -11.12 15.19 12.79
C ASN B 135 -10.45 13.82 12.65
N LYS B 136 -11.21 12.77 12.91
CA LYS B 136 -10.68 11.41 12.84
C LYS B 136 -11.16 10.62 11.63
N SER B 137 -10.52 9.47 11.39
CA SER B 137 -10.86 8.61 10.25
C SER B 137 -11.72 7.42 10.66
N SER B 138 -11.50 6.89 11.86
CA SER B 138 -12.30 5.78 12.33
C SER B 138 -13.54 6.36 13.00
N LYS B 139 -14.64 5.60 12.99
CA LYS B 139 -15.86 6.10 13.59
C LYS B 139 -16.19 5.32 14.87
N LEU B 140 -16.26 6.03 15.99
CA LEU B 140 -16.58 5.40 17.28
C LEU B 140 -17.65 6.24 17.97
N VAL B 141 -18.87 5.70 17.98
CA VAL B 141 -20.01 6.39 18.56
C VAL B 141 -20.72 5.63 19.68
N SER B 142 -21.29 6.40 20.59
CA SER B 142 -22.00 5.84 21.73
C SER B 142 -23.34 6.55 21.91
N ALA B 143 -24.36 5.79 22.34
CA ALA B 143 -25.69 6.37 22.55
C ALA B 143 -26.44 5.65 23.68
N ASN B 144 -26.70 6.36 24.76
CA ASN B 144 -27.41 5.79 25.89
C ASN B 144 -28.76 6.44 26.05
N ARG B 145 -29.79 5.64 26.31
CA ARG B 145 -31.11 6.20 26.48
C ARG B 145 -32.01 5.45 27.46
N LEU B 146 -32.73 6.23 28.27
CA LEU B 146 -33.66 5.68 29.24
C LEU B 146 -35.06 5.70 28.65
N PHE B 147 -35.73 4.55 28.68
CA PHE B 147 -37.09 4.46 28.18
C PHE B 147 -37.99 4.15 29.37
N GLY B 148 -38.60 5.20 29.92
CA GLY B 148 -39.47 5.01 31.07
C GLY B 148 -40.94 5.15 30.76
N ASP B 149 -41.79 4.55 31.59
CA ASP B 149 -43.23 4.65 31.37
C ASP B 149 -43.71 6.07 31.62
N LYS B 150 -44.37 6.65 30.62
CA LYS B 150 -44.89 8.02 30.68
C LYS B 150 -45.58 8.34 32.00
N SER B 151 -46.20 7.33 32.61
CA SER B 151 -46.90 7.51 33.87
C SER B 151 -45.98 7.70 35.06
N LEU B 152 -44.85 7.02 35.08
CA LEU B 152 -43.94 7.14 36.23
C LEU B 152 -43.25 8.49 36.34
N THR B 153 -42.86 8.82 37.57
CA THR B 153 -42.18 10.08 37.84
C THR B 153 -40.78 9.78 38.36
N PHE B 154 -39.79 9.88 37.48
CA PHE B 154 -38.42 9.58 37.87
C PHE B 154 -37.71 10.66 38.66
N ASN B 155 -36.79 10.21 39.50
CA ASN B 155 -35.97 11.09 40.32
C ASN B 155 -35.39 12.16 39.38
N GLU B 156 -35.45 13.43 39.79
CA GLU B 156 -34.91 14.50 38.97
C GLU B 156 -33.40 14.32 38.80
N THR B 157 -32.70 14.19 39.92
CA THR B 157 -31.25 14.02 39.93
C THR B 157 -30.85 12.83 39.05
N TYR B 158 -31.57 11.73 39.18
CA TYR B 158 -31.28 10.56 38.36
C TYR B 158 -31.43 10.93 36.90
N GLN B 159 -32.50 11.64 36.59
CA GLN B 159 -32.74 12.05 35.23
C GLN B 159 -31.57 12.93 34.80
N ASP B 160 -31.34 13.98 35.58
CA ASP B 160 -30.29 14.95 35.34
C ASP B 160 -28.89 14.39 35.13
N ILE B 161 -28.41 13.61 36.09
CA ILE B 161 -27.07 13.01 36.03
C ILE B 161 -26.91 12.01 34.89
N SER B 162 -27.92 11.17 34.67
CA SER B 162 -27.89 10.19 33.58
C SER B 162 -27.63 10.92 32.26
N GLU B 163 -28.12 12.14 32.16
CA GLU B 163 -27.95 12.92 30.95
C GLU B 163 -26.60 13.64 30.90
N LEU B 164 -26.26 14.33 31.98
CA LEU B 164 -25.01 15.07 32.04
C LEU B 164 -23.76 14.20 31.86
N VAL B 165 -23.76 13.04 32.51
CA VAL B 165 -22.61 12.15 32.46
C VAL B 165 -22.60 11.09 31.36
N TYR B 166 -23.78 10.62 30.95
CA TYR B 166 -23.87 9.60 29.91
C TYR B 166 -24.67 10.01 28.68
N GLY B 167 -25.12 11.26 28.65
CA GLY B 167 -25.90 11.74 27.52
C GLY B 167 -27.17 10.94 27.28
N ALA B 168 -27.68 10.27 28.32
CA ALA B 168 -28.89 9.49 28.15
C ALA B 168 -30.11 10.37 28.39
N LYS B 169 -31.02 10.35 27.42
CA LYS B 169 -32.25 11.14 27.54
C LYS B 169 -33.29 10.19 28.11
N LEU B 170 -34.37 10.76 28.65
CA LEU B 170 -35.45 9.96 29.23
C LEU B 170 -36.68 10.07 28.33
N GLN B 171 -36.79 9.16 27.36
CA GLN B 171 -37.91 9.17 26.43
C GLN B 171 -39.07 8.41 27.05
N PRO B 172 -40.24 9.06 27.17
CA PRO B 172 -41.42 8.42 27.75
C PRO B 172 -42.07 7.43 26.78
N LEU B 173 -42.38 6.25 27.29
CA LEU B 173 -43.04 5.24 26.49
C LEU B 173 -44.23 4.72 27.30
N ASP B 174 -45.20 4.13 26.61
CA ASP B 174 -46.37 3.61 27.30
C ASP B 174 -46.27 2.10 27.41
N PHE B 175 -45.67 1.65 28.50
CA PHE B 175 -45.50 0.22 28.76
C PHE B 175 -46.79 -0.39 29.28
N LYS B 176 -47.56 0.40 30.01
CA LYS B 176 -48.82 -0.07 30.57
C LYS B 176 -49.82 -0.50 29.53
N GLU B 177 -50.00 0.31 28.50
CA GLU B 177 -50.95 -0.01 27.45
C GLU B 177 -50.32 -0.61 26.20
N ASN B 178 -49.45 0.16 25.55
CA ASN B 178 -48.81 -0.29 24.32
C ASN B 178 -47.38 -0.77 24.49
N ALA B 179 -47.17 -1.77 25.35
CA ALA B 179 -45.83 -2.29 25.56
C ALA B 179 -45.21 -2.65 24.22
N GLU B 180 -45.89 -3.47 23.44
CA GLU B 180 -45.38 -3.87 22.15
C GLU B 180 -45.01 -2.68 21.26
N GLN B 181 -45.87 -1.68 21.19
CA GLN B 181 -45.59 -0.51 20.38
C GLN B 181 -44.37 0.19 20.98
N SER B 182 -44.25 0.12 22.30
CA SER B 182 -43.13 0.73 23.00
C SER B 182 -41.86 -0.05 22.71
N ARG B 183 -42.00 -1.36 22.59
CA ARG B 183 -40.89 -2.25 22.31
C ARG B 183 -40.29 -1.98 20.93
N ALA B 184 -41.15 -1.78 19.95
CA ALA B 184 -40.68 -1.51 18.60
C ALA B 184 -39.95 -0.18 18.62
N ALA B 185 -40.43 0.76 19.43
CA ALA B 185 -39.80 2.06 19.50
C ALA B 185 -38.36 1.90 19.92
N ILE B 186 -38.15 1.18 21.02
CA ILE B 186 -36.81 0.95 21.51
C ILE B 186 -36.01 0.26 20.40
N ASN B 187 -36.44 -0.92 20.00
CA ASN B 187 -35.77 -1.67 18.96
C ASN B 187 -35.34 -0.78 17.79
N LYS B 188 -36.30 0.00 17.28
CA LYS B 188 -36.04 0.89 16.16
C LYS B 188 -34.96 1.93 16.45
N TRP B 189 -34.88 2.39 17.70
CA TRP B 189 -33.89 3.39 18.09
C TRP B 189 -32.49 2.79 18.14
N VAL B 190 -32.38 1.59 18.68
CA VAL B 190 -31.08 0.95 18.76
C VAL B 190 -30.60 0.72 17.34
N SER B 191 -31.51 0.24 16.51
CA SER B 191 -31.18 -0.03 15.12
C SER B 191 -30.56 1.20 14.48
N ASN B 192 -31.21 2.35 14.68
CA ASN B 192 -30.73 3.58 14.10
C ASN B 192 -29.35 3.95 14.63
N LYS B 193 -29.15 3.81 15.94
CA LYS B 193 -27.87 4.15 16.54
C LYS B 193 -26.77 3.16 16.18
N THR B 194 -27.14 1.99 15.66
CA THR B 194 -26.15 0.99 15.28
C THR B 194 -26.16 0.70 13.79
N GLU B 195 -26.53 1.71 13.00
CA GLU B 195 -26.55 1.57 11.55
C GLU B 195 -27.22 0.27 11.18
N GLY B 196 -28.30 -0.06 11.89
CA GLY B 196 -29.03 -1.27 11.60
C GLY B 196 -28.33 -2.61 11.84
N ARG B 197 -27.12 -2.61 12.37
CA ARG B 197 -26.44 -3.89 12.59
C ARG B 197 -27.03 -4.60 13.82
N ILE B 198 -27.57 -3.82 14.76
CA ILE B 198 -28.18 -4.40 15.96
C ILE B 198 -29.66 -4.07 15.90
N THR B 199 -30.48 -5.09 15.66
CA THR B 199 -31.91 -4.91 15.51
C THR B 199 -32.81 -5.11 16.73
N ASP B 200 -33.48 -6.26 16.78
CA ASP B 200 -34.39 -6.59 17.89
C ASP B 200 -33.65 -6.83 19.19
N VAL B 201 -32.98 -5.81 19.71
CA VAL B 201 -32.23 -5.95 20.93
C VAL B 201 -33.05 -6.67 21.98
N ILE B 202 -34.29 -6.21 22.11
CA ILE B 202 -35.21 -6.76 23.11
C ILE B 202 -36.12 -7.86 22.59
N PRO B 203 -36.13 -9.01 23.29
CA PRO B 203 -36.95 -10.19 22.98
C PRO B 203 -38.42 -9.90 23.24
N SER B 204 -39.27 -10.12 22.25
CA SER B 204 -40.70 -9.86 22.39
C SER B 204 -41.22 -10.25 23.76
N GLU B 205 -40.85 -11.44 24.22
CA GLU B 205 -41.30 -11.92 25.52
C GLU B 205 -41.16 -10.86 26.62
N ALA B 206 -39.97 -10.26 26.74
CA ALA B 206 -39.75 -9.24 27.76
C ALA B 206 -40.62 -8.03 27.46
N ILE B 207 -40.57 -7.03 28.33
CA ILE B 207 -41.37 -5.82 28.16
C ILE B 207 -42.88 -6.08 28.13
N ASN B 208 -43.57 -5.53 29.14
CA ASN B 208 -45.02 -5.66 29.26
C ASN B 208 -45.57 -4.54 30.15
N GLU B 209 -46.86 -4.62 30.48
CA GLU B 209 -47.52 -3.60 31.30
C GLU B 209 -46.78 -3.30 32.60
N LEU B 210 -46.20 -4.35 33.20
CA LEU B 210 -45.47 -4.24 34.45
C LEU B 210 -44.16 -3.45 34.29
N THR B 211 -43.63 -3.49 33.07
CA THR B 211 -42.38 -2.81 32.73
C THR B 211 -42.42 -1.30 33.00
N VAL B 212 -41.41 -0.81 33.70
CA VAL B 212 -41.38 0.61 33.99
C VAL B 212 -40.18 1.31 33.39
N LEU B 213 -39.06 0.60 33.28
CA LEU B 213 -37.87 1.21 32.73
C LEU B 213 -37.04 0.26 31.89
N VAL B 214 -36.52 0.78 30.79
CA VAL B 214 -35.65 0.01 29.91
C VAL B 214 -34.43 0.87 29.61
N LEU B 215 -33.30 0.56 30.24
CA LEU B 215 -32.05 1.29 30.07
C LEU B 215 -31.28 0.63 28.93
N VAL B 216 -30.71 1.44 28.05
CA VAL B 216 -30.01 0.91 26.89
C VAL B 216 -28.80 1.73 26.47
N ASN B 217 -27.68 1.03 26.23
CA ASN B 217 -26.42 1.63 25.79
C ASN B 217 -25.98 0.99 24.48
N THR B 218 -25.67 1.82 23.50
CA THR B 218 -25.25 1.34 22.21
C THR B 218 -23.85 1.86 21.89
N ILE B 219 -23.08 1.04 21.18
CA ILE B 219 -21.75 1.45 20.73
C ILE B 219 -21.65 1.03 19.28
N TYR B 220 -21.05 1.89 18.44
CA TYR B 220 -20.91 1.59 17.03
C TYR B 220 -19.59 2.06 16.47
N PHE B 221 -18.82 1.13 15.92
CA PHE B 221 -17.52 1.45 15.36
C PHE B 221 -17.29 0.90 13.98
N LYS B 222 -16.68 1.72 13.13
CA LYS B 222 -16.35 1.28 11.79
C LYS B 222 -15.04 1.92 11.42
N GLY B 223 -14.12 1.09 10.96
CA GLY B 223 -12.82 1.60 10.57
C GLY B 223 -12.23 0.86 9.40
N LEU B 224 -11.26 1.49 8.77
CA LEU B 224 -10.57 0.91 7.64
C LEU B 224 -9.19 0.49 8.14
N TRP B 225 -8.64 -0.58 7.56
CA TRP B 225 -7.32 -1.06 7.96
C TRP B 225 -6.28 -0.01 7.62
N LYS B 226 -5.47 0.37 8.58
CA LYS B 226 -4.44 1.34 8.29
C LYS B 226 -3.44 0.74 7.32
N SER B 227 -3.42 -0.59 7.24
CA SER B 227 -2.50 -1.31 6.35
C SER B 227 -3.29 -2.35 5.53
N LYS B 228 -3.87 -1.90 4.43
CA LYS B 228 -4.70 -2.69 3.53
C LYS B 228 -4.37 -4.14 3.23
N PHE B 229 -5.43 -4.94 3.06
CA PHE B 229 -5.33 -6.34 2.67
C PHE B 229 -5.83 -6.33 1.22
N SER B 230 -5.02 -6.69 0.26
CA SER B 230 -5.55 -6.67 -1.09
C SER B 230 -6.54 -7.79 -1.29
N PRO B 231 -7.77 -7.46 -1.74
CA PRO B 231 -8.78 -8.47 -1.98
C PRO B 231 -8.15 -9.52 -2.89
N GLU B 232 -7.38 -9.03 -3.86
CA GLU B 232 -6.73 -9.88 -4.85
C GLU B 232 -5.94 -11.04 -4.27
N ASN B 233 -5.54 -10.94 -3.00
CA ASN B 233 -4.79 -12.01 -2.37
C ASN B 233 -5.62 -12.89 -1.44
N THR B 234 -6.89 -12.53 -1.25
CA THR B 234 -7.74 -13.33 -0.38
C THR B 234 -7.99 -14.67 -1.05
N ARG B 235 -7.78 -15.76 -0.31
CA ARG B 235 -7.96 -17.10 -0.87
C ARG B 235 -8.54 -18.08 0.14
N LYS B 236 -9.21 -19.13 -0.35
CA LYS B 236 -9.76 -20.14 0.53
C LYS B 236 -8.62 -20.90 1.20
N GLU B 237 -8.86 -21.28 2.45
CA GLU B 237 -7.86 -22.01 3.24
C GLU B 237 -8.66 -22.76 4.28
N LEU B 238 -8.12 -23.87 4.75
CA LEU B 238 -8.82 -24.63 5.77
C LEU B 238 -8.66 -23.99 7.12
N PHE B 239 -9.75 -23.96 7.87
CA PHE B 239 -9.74 -23.43 9.23
C PHE B 239 -10.01 -24.66 10.07
N TYR B 240 -9.18 -24.92 11.07
CA TYR B 240 -9.36 -26.10 11.91
C TYR B 240 -10.11 -25.85 13.24
N LYS B 241 -11.38 -26.26 13.30
CA LYS B 241 -12.20 -26.09 14.50
C LYS B 241 -11.59 -26.77 15.71
N ALA B 242 -12.25 -26.62 16.86
CA ALA B 242 -11.78 -27.22 18.10
C ALA B 242 -12.29 -28.65 18.22
N ASP B 243 -13.16 -29.04 17.30
CA ASP B 243 -13.73 -30.38 17.29
C ASP B 243 -12.93 -31.28 16.37
N GLY B 244 -11.71 -30.88 16.08
CA GLY B 244 -10.86 -31.66 15.21
C GLY B 244 -11.22 -31.69 13.73
N GLU B 245 -12.17 -30.87 13.32
CA GLU B 245 -12.54 -30.84 11.91
C GLU B 245 -12.07 -29.60 11.16
N SER B 246 -12.22 -29.62 9.85
CA SER B 246 -11.79 -28.48 9.04
C SER B 246 -12.94 -27.90 8.27
N CYS B 247 -12.73 -26.73 7.72
CA CYS B 247 -13.74 -26.08 6.90
C CYS B 247 -13.11 -24.95 6.09
N SER B 248 -13.75 -24.61 4.97
CA SER B 248 -13.23 -23.60 4.07
C SER B 248 -13.54 -22.15 4.45
N ALA B 249 -12.48 -21.37 4.65
CA ALA B 249 -12.61 -19.97 5.01
C ALA B 249 -11.89 -19.04 4.04
N SER B 250 -12.29 -17.77 3.99
CA SER B 250 -11.64 -16.78 3.15
C SER B 250 -10.47 -16.18 3.92
N MET B 251 -9.24 -16.49 3.48
CA MET B 251 -8.04 -15.99 4.13
C MET B 251 -7.49 -14.74 3.45
N MET B 252 -7.42 -13.67 4.23
CA MET B 252 -6.86 -12.42 3.74
C MET B 252 -5.34 -12.57 3.95
N TYR B 253 -4.55 -11.93 3.10
CA TYR B 253 -3.10 -12.05 3.20
C TYR B 253 -2.37 -10.74 2.95
N GLN B 254 -1.26 -10.53 3.66
CA GLN B 254 -0.45 -9.34 3.49
C GLN B 254 0.81 -9.45 4.31
N GLU B 255 1.83 -8.69 3.93
CA GLU B 255 3.11 -8.68 4.64
C GLU B 255 3.41 -7.23 5.02
N GLY B 256 4.01 -7.03 6.19
CA GLY B 256 4.30 -5.67 6.58
C GLY B 256 4.70 -5.59 8.04
N LYS B 257 4.84 -4.36 8.54
CA LYS B 257 5.22 -4.16 9.93
C LYS B 257 4.02 -4.00 10.84
N PHE B 258 4.03 -4.77 11.92
CA PHE B 258 2.95 -4.71 12.89
C PHE B 258 3.56 -4.92 14.26
N ARG B 259 2.89 -4.40 15.27
CA ARG B 259 3.40 -4.62 16.62
C ARG B 259 3.01 -6.05 16.91
N TYR B 260 3.99 -6.87 17.25
CA TYR B 260 3.73 -8.28 17.50
C TYR B 260 4.59 -8.79 18.65
N ARG B 261 4.30 -9.99 19.11
CA ARG B 261 5.04 -10.58 20.21
C ARG B 261 4.67 -12.04 20.43
N ARG B 262 5.69 -12.88 20.56
CA ARG B 262 5.50 -14.30 20.82
C ARG B 262 5.57 -14.47 22.32
N VAL B 263 4.45 -14.81 22.94
CA VAL B 263 4.39 -14.96 24.38
C VAL B 263 4.43 -16.41 24.86
N ALA B 264 4.09 -16.63 26.13
CA ALA B 264 4.09 -17.96 26.73
C ALA B 264 3.62 -19.07 25.81
N GLU B 265 4.28 -20.21 25.95
CA GLU B 265 3.98 -21.41 25.18
C GLU B 265 3.62 -21.15 23.75
N GLY B 266 4.47 -20.36 23.09
CA GLY B 266 4.29 -20.07 21.67
C GLY B 266 3.08 -19.28 21.21
N THR B 267 2.29 -18.75 22.14
CA THR B 267 1.11 -17.96 21.76
C THR B 267 1.59 -16.68 21.07
N GLN B 268 0.98 -16.39 19.91
CA GLN B 268 1.30 -15.22 19.12
C GLN B 268 0.30 -14.10 19.30
N VAL B 269 0.80 -12.90 19.58
CA VAL B 269 -0.07 -11.73 19.74
C VAL B 269 0.23 -10.74 18.63
N LEU B 270 -0.84 -10.26 18.03
CA LEU B 270 -0.71 -9.37 16.90
C LEU B 270 -1.64 -8.15 16.99
N GLU B 271 -1.11 -6.97 16.65
CA GLU B 271 -1.94 -5.77 16.67
C GLU B 271 -2.06 -5.13 15.28
N LEU B 272 -3.28 -5.12 14.74
CA LEU B 272 -3.57 -4.52 13.42
C LEU B 272 -4.26 -3.20 13.71
N PRO B 273 -3.59 -2.08 13.40
CA PRO B 273 -4.21 -0.78 13.65
C PRO B 273 -5.14 -0.29 12.54
N PHE B 274 -6.11 0.55 12.90
CA PHE B 274 -7.01 1.11 11.90
C PHE B 274 -6.50 2.50 11.55
N LYS B 275 -7.03 3.09 10.48
CA LYS B 275 -6.60 4.42 10.10
C LYS B 275 -6.92 5.36 11.24
N GLY B 276 -5.95 6.15 11.67
CA GLY B 276 -6.17 7.06 12.79
C GLY B 276 -5.22 6.67 13.91
N ASP B 277 -4.86 5.37 13.92
CA ASP B 277 -3.95 4.81 14.91
C ASP B 277 -4.48 4.72 16.34
N ASP B 278 -5.58 5.42 16.61
CA ASP B 278 -6.18 5.41 17.94
C ASP B 278 -6.84 4.10 18.34
N ILE B 279 -7.30 3.35 17.36
CA ILE B 279 -7.98 2.10 17.60
C ILE B 279 -7.28 0.97 16.86
N THR B 280 -7.20 -0.19 17.49
CA THR B 280 -6.55 -1.33 16.85
C THR B 280 -7.38 -2.57 17.10
N MET B 281 -6.96 -3.66 16.46
CA MET B 281 -7.59 -4.95 16.63
C MET B 281 -6.45 -5.86 17.09
N VAL B 282 -6.59 -6.46 18.26
CA VAL B 282 -5.54 -7.34 18.76
C VAL B 282 -5.99 -8.78 18.64
N LEU B 283 -5.14 -9.63 18.08
CA LEU B 283 -5.49 -11.04 17.94
C LEU B 283 -4.57 -11.89 18.77
N ILE B 284 -5.14 -12.85 19.50
CA ILE B 284 -4.34 -13.75 20.30
C ILE B 284 -4.54 -15.14 19.68
N LEU B 285 -3.44 -15.68 19.20
CA LEU B 285 -3.45 -16.95 18.51
C LEU B 285 -2.53 -17.97 19.14
N PRO B 286 -3.11 -19.04 19.72
CA PRO B 286 -2.26 -20.06 20.33
C PRO B 286 -1.65 -20.96 19.26
N LYS B 287 -0.54 -21.60 19.61
CA LYS B 287 0.12 -22.52 18.71
C LYS B 287 -0.82 -23.69 18.45
N PRO B 288 -0.76 -24.30 17.27
CA PRO B 288 -1.65 -25.43 16.99
C PRO B 288 -1.74 -26.48 18.09
N GLU B 289 -0.63 -26.74 18.78
CA GLU B 289 -0.61 -27.74 19.84
C GLU B 289 -1.62 -27.42 20.95
N LYS B 290 -1.50 -26.23 21.52
CA LYS B 290 -2.35 -25.75 22.61
C LYS B 290 -3.75 -25.27 22.22
N SER B 291 -4.75 -25.67 23.01
CA SER B 291 -6.13 -25.29 22.77
C SER B 291 -6.38 -23.87 23.26
N LEU B 292 -7.33 -23.21 22.61
CA LEU B 292 -7.66 -21.82 22.99
C LEU B 292 -8.30 -21.76 24.38
N ALA B 293 -8.92 -22.86 24.78
CA ALA B 293 -9.57 -22.96 26.09
C ALA B 293 -8.54 -22.81 27.19
N LYS B 294 -7.34 -23.32 26.94
CA LYS B 294 -6.28 -23.24 27.91
C LYS B 294 -5.90 -21.78 28.07
N VAL B 295 -5.67 -21.13 26.93
CA VAL B 295 -5.28 -19.74 26.97
C VAL B 295 -6.32 -18.85 27.62
N GLU B 296 -7.59 -19.12 27.33
CA GLU B 296 -8.68 -18.33 27.92
C GLU B 296 -8.66 -18.46 29.44
N LYS B 297 -8.45 -19.67 29.95
CA LYS B 297 -8.42 -19.87 31.40
C LYS B 297 -7.25 -19.15 32.05
N GLU B 298 -6.20 -18.91 31.27
CA GLU B 298 -5.02 -18.23 31.81
C GLU B 298 -5.06 -16.73 31.54
N LEU B 299 -5.92 -16.30 30.61
CA LEU B 299 -5.98 -14.90 30.26
C LEU B 299 -6.41 -14.03 31.42
N THR B 300 -5.42 -13.58 32.15
CA THR B 300 -5.60 -12.74 33.32
C THR B 300 -5.49 -11.27 32.96
N PRO B 301 -6.18 -10.39 33.71
CA PRO B 301 -6.10 -8.96 33.39
C PRO B 301 -4.63 -8.52 33.42
N GLU B 302 -3.91 -8.95 34.45
CA GLU B 302 -2.50 -8.59 34.54
C GLU B 302 -1.68 -9.27 33.44
N VAL B 303 -2.08 -10.46 33.01
CA VAL B 303 -1.37 -11.14 31.94
C VAL B 303 -1.62 -10.42 30.61
N LEU B 304 -2.89 -10.16 30.29
CA LEU B 304 -3.21 -9.48 29.04
C LEU B 304 -2.51 -8.11 28.99
N GLN B 305 -2.28 -7.51 30.17
CA GLN B 305 -1.60 -6.23 30.27
C GLN B 305 -0.15 -6.40 29.89
N GLU B 306 0.52 -7.34 30.54
CA GLU B 306 1.92 -7.64 30.28
C GLU B 306 2.07 -7.83 28.79
N TRP B 307 1.27 -8.73 28.22
CA TRP B 307 1.34 -8.97 26.79
C TRP B 307 1.25 -7.69 25.98
N LEU B 308 0.11 -7.01 26.03
CA LEU B 308 -0.05 -5.78 25.26
C LEU B 308 1.17 -4.87 25.35
N ASP B 309 1.63 -4.58 26.57
CA ASP B 309 2.79 -3.71 26.74
C ASP B 309 4.09 -4.23 26.11
N GLU B 310 4.13 -5.51 25.77
CA GLU B 310 5.34 -6.07 25.19
C GLU B 310 5.41 -6.10 23.67
N LEU B 311 4.32 -5.79 22.99
CA LEU B 311 4.33 -5.80 21.53
C LEU B 311 5.48 -4.92 21.02
N GLU B 312 6.07 -5.32 19.91
CA GLU B 312 7.18 -4.59 19.29
C GLU B 312 7.03 -4.67 17.76
N GLU B 313 7.34 -3.57 17.06
CA GLU B 313 7.19 -3.54 15.61
C GLU B 313 8.00 -4.63 14.91
N MET B 314 7.39 -5.28 13.92
CA MET B 314 8.08 -6.34 13.22
C MET B 314 7.50 -6.68 11.86
N MET B 315 8.33 -7.30 11.02
CA MET B 315 7.93 -7.72 9.68
C MET B 315 7.45 -9.15 9.74
N LEU B 316 6.19 -9.37 9.37
CA LEU B 316 5.64 -10.71 9.40
C LEU B 316 4.63 -10.93 8.31
N VAL B 317 4.32 -12.18 8.06
CA VAL B 317 3.35 -12.57 7.07
C VAL B 317 2.04 -12.75 7.82
N VAL B 318 0.99 -12.02 7.43
CA VAL B 318 -0.26 -12.15 8.14
C VAL B 318 -1.31 -12.93 7.37
N HIS B 319 -1.86 -13.95 8.03
CA HIS B 319 -2.91 -14.80 7.48
C HIS B 319 -4.10 -14.62 8.39
N MET B 320 -5.17 -14.02 7.88
CA MET B 320 -6.35 -13.78 8.70
C MET B 320 -7.67 -13.86 7.93
N PRO B 321 -8.58 -14.72 8.37
CA PRO B 321 -9.87 -14.91 7.73
C PRO B 321 -10.83 -13.74 7.82
N ARG B 322 -11.68 -13.60 6.80
CA ARG B 322 -12.71 -12.57 6.78
C ARG B 322 -13.80 -13.26 7.60
N PHE B 323 -14.77 -12.51 8.09
CA PHE B 323 -15.85 -13.12 8.87
C PHE B 323 -16.81 -12.13 9.49
N ARG B 324 -18.02 -12.62 9.71
CA ARG B 324 -19.08 -11.85 10.34
C ARG B 324 -19.53 -12.65 11.55
N ILE B 325 -19.65 -11.99 12.69
CA ILE B 325 -20.09 -12.65 13.91
C ILE B 325 -21.26 -11.91 14.58
N GLU B 326 -22.35 -12.63 14.79
CA GLU B 326 -23.50 -12.05 15.44
C GLU B 326 -23.80 -12.89 16.69
N ASP B 327 -23.72 -12.27 17.85
CA ASP B 327 -23.96 -12.98 19.09
C ASP B 327 -24.99 -12.23 19.95
N GLY B 328 -25.69 -12.98 20.79
CA GLY B 328 -26.69 -12.39 21.67
C GLY B 328 -26.92 -13.29 22.85
N PHE B 329 -27.01 -12.72 24.05
CA PHE B 329 -27.25 -13.52 25.24
C PHE B 329 -27.75 -12.73 26.44
N SER B 330 -28.24 -13.44 27.45
CA SER B 330 -28.70 -12.80 28.66
C SER B 330 -27.47 -12.63 29.52
N LEU B 331 -27.37 -11.49 30.19
CA LEU B 331 -26.22 -11.21 31.04
C LEU B 331 -26.50 -11.66 32.46
N LYS B 332 -27.79 -11.81 32.77
CA LYS B 332 -28.27 -12.18 34.09
C LYS B 332 -27.55 -13.31 34.82
N GLU B 333 -27.59 -14.51 34.26
CA GLU B 333 -26.94 -15.64 34.91
C GLU B 333 -25.46 -15.38 35.19
N GLN B 334 -24.71 -15.11 34.13
CA GLN B 334 -23.28 -14.85 34.23
C GLN B 334 -22.96 -13.90 35.37
N LEU B 335 -23.62 -12.74 35.33
CA LEU B 335 -23.40 -11.72 36.34
C LEU B 335 -23.65 -12.25 37.73
N GLN B 336 -24.77 -12.94 37.91
CA GLN B 336 -25.09 -13.50 39.20
C GLN B 336 -23.93 -14.37 39.69
N ASP B 337 -23.48 -15.28 38.83
CA ASP B 337 -22.36 -16.14 39.19
C ASP B 337 -21.19 -15.31 39.63
N MET B 338 -21.03 -14.14 39.03
CA MET B 338 -19.91 -13.27 39.39
C MET B 338 -20.12 -12.47 40.67
N GLY B 339 -21.32 -12.56 41.26
CA GLY B 339 -21.56 -11.82 42.48
C GLY B 339 -22.59 -10.72 42.42
N LEU B 340 -23.27 -10.57 41.29
CA LEU B 340 -24.29 -9.54 41.18
C LEU B 340 -25.65 -10.24 41.39
N VAL B 341 -26.15 -10.20 42.62
CA VAL B 341 -27.41 -10.86 42.96
C VAL B 341 -28.57 -9.96 43.38
N ASP B 342 -28.33 -9.11 44.37
CA ASP B 342 -29.37 -8.21 44.88
C ASP B 342 -30.12 -7.46 43.76
N LEU B 343 -29.34 -6.87 42.85
CA LEU B 343 -29.88 -6.11 41.73
C LEU B 343 -30.97 -6.87 41.00
N PHE B 344 -30.90 -8.19 41.04
CA PHE B 344 -31.92 -8.99 40.37
C PHE B 344 -32.98 -9.55 41.33
N SER B 345 -32.79 -9.38 42.64
CA SER B 345 -33.74 -9.90 43.62
C SER B 345 -34.89 -8.97 43.97
N PRO B 346 -36.12 -9.40 43.67
CA PRO B 346 -37.28 -8.55 43.98
C PRO B 346 -37.28 -8.16 45.43
N GLU B 347 -36.68 -8.99 46.27
CA GLU B 347 -36.65 -8.70 47.70
C GLU B 347 -35.39 -8.00 48.19
N LYS B 348 -34.24 -8.29 47.58
CA LYS B 348 -32.97 -7.69 48.01
C LYS B 348 -32.49 -6.46 47.24
N SER B 349 -33.04 -6.25 46.04
CA SER B 349 -32.65 -5.12 45.21
C SER B 349 -32.82 -3.79 45.96
N LYS B 350 -32.00 -2.80 45.62
CA LYS B 350 -32.08 -1.48 46.25
C LYS B 350 -31.74 -0.40 45.22
N LEU B 351 -32.77 0.13 44.59
CA LEU B 351 -32.64 1.16 43.58
C LEU B 351 -33.49 2.39 43.90
N PRO B 352 -33.42 2.89 45.13
CA PRO B 352 -34.23 4.06 45.47
C PRO B 352 -34.02 5.31 44.61
N GLY B 353 -32.80 5.53 44.15
CA GLY B 353 -32.51 6.72 43.35
C GLY B 353 -33.17 6.89 41.98
N ILE B 354 -33.74 5.82 41.42
CA ILE B 354 -34.36 5.91 40.10
C ILE B 354 -35.78 6.51 40.05
N VAL B 355 -36.75 5.80 40.59
CA VAL B 355 -38.13 6.31 40.57
C VAL B 355 -38.45 7.09 41.82
N ALA B 356 -39.13 8.23 41.67
CA ALA B 356 -39.49 9.07 42.80
C ALA B 356 -40.89 8.78 43.33
N GLU B 357 -41.01 8.74 44.65
CA GLU B 357 -42.30 8.49 45.30
C GLU B 357 -42.75 7.03 45.19
N GLY B 358 -42.61 6.28 46.28
CA GLY B 358 -43.01 4.88 46.30
C GLY B 358 -42.32 4.02 45.25
N ARG B 359 -42.86 2.83 45.04
CA ARG B 359 -42.31 1.88 44.05
C ARG B 359 -40.87 1.49 44.42
N ASP B 360 -40.36 2.04 45.50
CA ASP B 360 -38.99 1.76 45.94
C ASP B 360 -38.77 0.31 46.36
N ASP B 361 -38.22 -0.46 45.43
CA ASP B 361 -37.90 -1.89 45.60
C ASP B 361 -37.74 -2.39 44.17
N LEU B 362 -37.61 -1.41 43.27
CA LEU B 362 -37.45 -1.62 41.85
C LEU B 362 -36.25 -2.55 41.68
N TYR B 363 -36.35 -3.49 40.74
CA TYR B 363 -35.26 -4.42 40.53
C TYR B 363 -35.11 -4.76 39.05
N VAL B 364 -33.91 -5.14 38.64
CA VAL B 364 -33.64 -5.48 37.26
C VAL B 364 -34.18 -6.86 36.95
N SER B 365 -35.19 -6.93 36.10
CA SER B 365 -35.81 -8.19 35.73
C SER B 365 -34.95 -8.98 34.73
N ASP B 366 -34.26 -8.27 33.84
CA ASP B 366 -33.43 -8.94 32.85
C ASP B 366 -32.41 -7.99 32.25
N ALA B 367 -31.36 -8.56 31.66
CA ALA B 367 -30.31 -7.76 31.04
C ALA B 367 -29.86 -8.52 29.80
N PHE B 368 -29.94 -7.88 28.64
CA PHE B 368 -29.53 -8.54 27.39
C PHE B 368 -28.42 -7.78 26.68
N HIS B 369 -27.66 -8.51 25.86
CA HIS B 369 -26.56 -7.95 25.08
C HIS B 369 -26.58 -8.60 23.71
N LYS B 370 -26.45 -7.79 22.67
CA LYS B 370 -26.43 -8.26 21.30
C LYS B 370 -25.31 -7.51 20.61
N ALA B 371 -24.37 -8.25 20.01
CA ALA B 371 -23.26 -7.59 19.33
C ALA B 371 -23.09 -8.09 17.89
N PHE B 372 -22.45 -7.26 17.08
CA PHE B 372 -22.21 -7.52 15.66
C PHE B 372 -20.75 -7.23 15.28
N LEU B 373 -20.18 -8.05 14.40
CA LEU B 373 -18.80 -7.86 13.95
C LEU B 373 -18.58 -8.33 12.53
N GLU B 374 -18.00 -7.47 11.69
CA GLU B 374 -17.68 -7.85 10.32
C GLU B 374 -16.26 -7.41 10.00
N VAL B 375 -15.44 -8.37 9.59
CA VAL B 375 -14.05 -8.11 9.25
C VAL B 375 -13.72 -8.56 7.83
N ASN B 376 -13.04 -7.70 7.08
CA ASN B 376 -12.65 -8.00 5.70
C ASN B 376 -11.74 -6.90 5.16
N GLU B 377 -11.47 -6.95 3.86
CA GLU B 377 -10.64 -5.92 3.25
C GLU B 377 -11.60 -4.78 2.96
N GLU B 378 -11.13 -3.54 3.06
CA GLU B 378 -11.98 -2.39 2.75
C GLU B 378 -13.12 -2.11 3.70
N GLY B 379 -13.89 -3.15 4.03
CA GLY B 379 -15.02 -2.99 4.92
C GLY B 379 -16.11 -2.32 4.10
N SER B 380 -15.99 -1.00 3.94
CA SER B 380 -16.94 -0.22 3.16
C SER B 380 -16.90 -0.62 1.69
N ALA B 384 -13.38 -5.45 -3.33
CA ALA B 384 -13.92 -5.68 -4.67
C ALA B 384 -13.54 -4.54 -5.61
N SER B 385 -12.94 -3.48 -5.07
CA SER B 385 -12.54 -2.34 -5.89
C SER B 385 -11.06 -1.88 -5.74
N THR B 386 -10.35 -2.45 -4.78
CA THR B 386 -8.96 -2.07 -4.55
C THR B 386 -7.94 -3.17 -4.83
N ALA B 387 -6.68 -2.74 -4.85
CA ALA B 387 -5.55 -3.62 -5.10
C ALA B 387 -4.33 -3.00 -4.47
N VAL B 388 -3.28 -3.79 -4.32
CA VAL B 388 -2.03 -3.28 -3.75
C VAL B 388 -0.85 -3.66 -4.62
N VAL B 389 0.09 -2.73 -4.82
CA VAL B 389 1.30 -3.02 -5.59
C VAL B 389 2.53 -2.60 -4.83
N ILE B 390 3.31 -3.60 -4.42
CA ILE B 390 4.53 -3.39 -3.68
C ILE B 390 5.71 -3.73 -4.57
N ALA B 391 6.36 -2.71 -5.10
CA ALA B 391 7.49 -2.94 -5.98
C ALA B 391 8.83 -2.82 -5.25
N GLY B 392 9.77 -3.69 -5.66
CA GLY B 392 11.10 -3.70 -5.10
C GLY B 392 11.18 -4.05 -3.62
N ARG B 393 10.46 -5.10 -3.23
CA ARG B 393 10.47 -5.54 -1.84
C ARG B 393 10.98 -6.96 -1.75
N SER B 394 11.95 -7.17 -0.86
CA SER B 394 12.51 -8.49 -0.64
C SER B 394 12.66 -8.63 0.87
N LEU B 395 11.71 -9.32 1.48
CA LEU B 395 11.70 -9.53 2.92
C LEU B 395 12.56 -10.72 3.31
N ASN B 396 12.91 -10.77 4.60
CA ASN B 396 13.72 -11.86 5.13
C ASN B 396 13.09 -13.21 4.90
N PRO B 397 13.84 -14.14 4.28
CA PRO B 397 13.33 -15.48 3.99
C PRO B 397 13.03 -16.23 5.29
N ASN B 398 13.55 -15.72 6.39
CA ASN B 398 13.34 -16.31 7.70
C ASN B 398 12.37 -15.44 8.51
N ARG B 399 11.42 -14.79 7.85
CA ARG B 399 10.50 -13.93 8.56
C ARG B 399 9.44 -14.71 9.29
N VAL B 400 8.93 -14.11 10.36
CA VAL B 400 7.90 -14.72 11.20
C VAL B 400 6.52 -14.64 10.57
N THR B 401 5.78 -15.75 10.63
CA THR B 401 4.43 -15.77 10.08
C THR B 401 3.37 -16.02 11.16
N PHE B 402 2.18 -15.54 10.86
CA PHE B 402 1.02 -15.61 11.73
C PHE B 402 -0.12 -16.10 10.84
N LYS B 403 -0.46 -17.38 10.98
CA LYS B 403 -1.54 -18.00 10.19
C LYS B 403 -2.75 -18.31 11.09
N ALA B 404 -3.77 -17.46 11.03
CA ALA B 404 -4.95 -17.66 11.87
C ALA B 404 -5.99 -18.62 11.31
N ASN B 405 -5.61 -19.89 11.14
CA ASN B 405 -6.50 -20.91 10.61
C ASN B 405 -7.06 -21.85 11.70
N ARG B 406 -7.03 -21.35 12.93
CA ARG B 406 -7.54 -22.08 14.08
C ARG B 406 -8.11 -21.01 15.02
N PRO B 407 -9.00 -21.39 15.93
CA PRO B 407 -9.59 -20.40 16.86
C PRO B 407 -8.60 -19.44 17.51
N PHE B 408 -9.00 -18.17 17.65
CA PHE B 408 -8.13 -17.16 18.25
C PHE B 408 -8.98 -16.07 18.89
N LEU B 409 -8.43 -15.31 19.81
CA LEU B 409 -9.18 -14.24 20.46
C LEU B 409 -9.04 -12.93 19.68
N VAL B 410 -10.03 -12.06 19.81
CA VAL B 410 -10.00 -10.77 19.12
C VAL B 410 -10.46 -9.64 20.02
N PHE B 411 -9.77 -8.50 19.94
CA PHE B 411 -10.10 -7.32 20.72
C PHE B 411 -10.07 -6.10 19.81
N ILE B 412 -10.87 -5.10 20.13
CA ILE B 412 -10.88 -3.88 19.35
C ILE B 412 -10.67 -2.82 20.41
N ARG B 413 -9.44 -2.37 20.57
CA ARG B 413 -9.15 -1.38 21.61
C ARG B 413 -8.72 0.03 21.17
N GLU B 414 -8.97 0.98 22.06
CA GLU B 414 -8.62 2.37 21.87
C GLU B 414 -7.33 2.48 22.67
N VAL B 415 -6.19 2.31 22.02
CA VAL B 415 -4.91 2.31 22.70
C VAL B 415 -4.60 3.47 23.63
N PRO B 416 -4.46 4.67 23.07
CA PRO B 416 -4.15 5.78 23.98
C PRO B 416 -4.87 5.74 25.33
N LEU B 417 -6.13 5.32 25.31
CA LEU B 417 -6.92 5.24 26.54
C LEU B 417 -6.89 3.85 27.17
N ASN B 418 -6.22 2.92 26.50
CA ASN B 418 -6.11 1.55 26.99
C ASN B 418 -7.49 0.98 27.29
N THR B 419 -8.43 1.13 26.37
CA THR B 419 -9.77 0.65 26.60
C THR B 419 -10.20 -0.43 25.64
N ILE B 420 -10.82 -1.47 26.18
CA ILE B 420 -11.30 -2.58 25.35
C ILE B 420 -12.71 -2.25 24.94
N ILE B 421 -12.93 -1.97 23.66
CA ILE B 421 -14.28 -1.63 23.25
C ILE B 421 -15.08 -2.88 22.90
N PHE B 422 -14.44 -3.83 22.25
CA PHE B 422 -15.10 -5.08 21.93
C PHE B 422 -14.11 -6.23 22.10
N MET B 423 -14.63 -7.41 22.42
CA MET B 423 -13.77 -8.56 22.55
C MET B 423 -14.56 -9.76 22.08
N GLY B 424 -13.90 -10.88 21.87
CA GLY B 424 -14.62 -12.03 21.40
C GLY B 424 -13.70 -13.16 21.02
N ARG B 425 -14.24 -14.12 20.30
CA ARG B 425 -13.48 -15.30 19.92
C ARG B 425 -13.94 -15.73 18.54
N VAL B 426 -13.01 -16.06 17.68
CA VAL B 426 -13.36 -16.52 16.35
C VAL B 426 -12.99 -18.00 16.33
N ALA B 427 -13.98 -18.82 16.65
CA ALA B 427 -13.83 -20.25 16.71
C ALA B 427 -14.31 -20.89 15.43
N ASN B 428 -14.87 -20.09 14.54
CA ASN B 428 -15.35 -20.61 13.28
C ASN B 428 -15.77 -19.53 12.30
N PRO B 429 -14.83 -19.10 11.45
CA PRO B 429 -15.06 -18.06 10.45
C PRO B 429 -15.64 -18.63 9.18
N CYS B 430 -15.71 -19.96 9.11
CA CYS B 430 -16.21 -20.64 7.93
C CYS B 430 -17.57 -20.26 7.39
N VAL B 431 -18.05 -21.03 6.42
CA VAL B 431 -19.34 -20.77 5.80
C VAL B 431 -20.09 -22.05 5.49
C ACE C 1 -12.77 -3.92 8.51
O ACE C 1 -12.94 -5.14 8.46
CH3 ACE C 1 -11.89 -3.21 7.49
N SER C 2 -13.19 -3.18 9.54
CA SER C 2 -13.98 -3.75 10.62
C SER C 2 -15.15 -2.87 11.00
N GLU C 3 -16.30 -3.50 11.22
CA GLU C 3 -17.50 -2.81 11.64
C GLU C 3 -18.08 -3.61 12.82
N ALA C 4 -18.15 -2.97 13.98
CA ALA C 4 -18.68 -3.60 15.17
C ALA C 4 -19.72 -2.72 15.86
N ALA C 5 -20.71 -3.36 16.48
CA ALA C 5 -21.76 -2.65 17.17
C ALA C 5 -22.31 -3.52 18.27
N ALA C 6 -22.92 -2.90 19.27
CA ALA C 6 -23.47 -3.64 20.40
C ALA C 6 -24.53 -2.85 21.14
N SER C 7 -25.37 -3.57 21.86
CA SER C 7 -26.39 -2.94 22.65
C SER C 7 -26.95 -3.93 23.65
N FME D 1 -30.99 -3.50 29.40
CN FME D 1 -31.24 -4.34 28.39
O1 FME D 1 -31.40 -5.56 28.54
CA FME D 1 -31.55 -3.72 30.73
CB FME D 1 -30.76 -2.94 31.76
CG FME D 1 -29.41 -3.50 32.01
SD FME D 1 -28.61 -2.50 33.24
CE FME D 1 -29.24 -3.31 34.77
C FME D 1 -33.00 -3.30 30.86
O FME D 1 -33.39 -2.22 30.41
N LEU D 2 -33.79 -4.15 31.48
CA LEU D 2 -35.19 -3.83 31.66
C LEU D 2 -35.71 -4.10 33.07
N PHE D 3 -36.46 -3.13 33.58
CA PHE D 3 -37.06 -3.16 34.89
C PHE D 3 -38.58 -3.30 34.73
C1 NDG E . 26.45 -1.59 -54.59
C2 NDG E . 26.89 -2.15 -55.95
C3 NDG E . 27.35 -1.01 -56.88
C4 NDG E . 26.26 0.06 -56.98
C5 NDG E . 25.90 0.53 -55.56
C6 NDG E . 24.79 1.57 -55.53
C7 NDG E . 28.02 -3.85 -54.65
C8 NDG E . 27.10 -5.06 -54.57
O5 NDG E . 25.44 -0.59 -54.75
O3 NDG E . 27.62 -1.51 -58.18
O4 NDG E . 26.72 1.15 -57.76
O6 NDG E . 24.07 1.51 -54.30
O7 NDG E . 28.77 -3.59 -53.72
N2 NDG E . 27.97 -3.11 -55.76
O1 NDG E . 27.53 -1.02 -53.94
C1 NDG F . 30.63 10.95 -51.87
C2 NDG F . 31.15 10.92 -53.31
C3 NDG F . 30.12 11.55 -54.27
C4 NDG F . 29.35 12.70 -53.60
C5 NDG F . 28.66 12.23 -52.30
C6 NDG F . 27.16 12.06 -52.44
C7 NDG F . 33.18 11.92 -52.39
C8 NDG F . 33.22 13.39 -52.02
O5 NDG F . 29.19 10.96 -51.87
O3 NDG F . 29.21 10.56 -54.70
O4 NDG F . 30.25 13.76 -53.30
O6 NDG F . 26.69 11.00 -51.62
O7 NDG F . 33.82 11.10 -51.72
N2 NDG F . 32.44 11.59 -53.45
O1 NDG F . 31.05 12.10 -51.22
C1 NDG G . 27.04 12.26 -55.53
C2 NDG G . 27.72 12.07 -56.90
C3 NDG G . 26.76 11.41 -57.90
C4 NDG G . 26.14 10.15 -57.30
C5 NDG G . 25.49 10.51 -55.97
C6 NDG G . 24.83 9.32 -55.29
C7 NDG G . 29.46 13.58 -57.62
C8 NDG G . 30.01 13.31 -59.01
O5 NDG G . 26.48 11.03 -55.06
O3 NDG G . 27.46 11.08 -59.09
O4 NDG G . 25.17 9.61 -58.19
O6 NDG G . 23.44 9.27 -55.58
O7 NDG G . 30.21 14.02 -56.74
N2 NDG G . 28.17 13.35 -57.41
O1 NDG G . 26.04 13.20 -55.61
C1 NDG H . -28.82 1.81 54.42
C2 NDG H . -29.31 1.83 55.87
C3 NDG H . -29.78 3.24 56.25
C4 NDG H . -28.66 4.24 55.98
C5 NDG H . -28.23 4.14 54.51
C6 NDG H . -27.09 5.07 54.16
C7 NDG H . -30.62 -0.06 55.13
C8 NDG H . -29.79 -1.33 55.22
O5 NDG H . -27.80 2.80 54.21
O3 NDG H . -30.16 3.28 57.61
O4 NDG H . -29.09 5.57 56.29
O6 NDG H . -26.46 4.69 52.94
O7 NDG H . -31.47 0.07 54.25
N2 NDG H . -30.39 0.88 56.05
O1 NDG H . -29.87 2.06 53.56
C1 NAG I . -34.52 12.40 44.73
C2 NAG I . -35.27 12.36 46.07
C3 NAG I . -34.46 13.11 47.15
C4 NAG I . -33.01 12.66 47.18
C5 NAG I . -32.40 12.67 45.79
C6 NAG I . -30.99 12.11 45.77
C7 NAG I . -37.50 12.45 45.12
C8 NAG I . -37.83 13.23 43.83
N2 NAG I . -36.59 12.97 45.93
O1 NAG I . -35.19 11.60 43.82
O3 NAG I . -35.06 12.89 48.42
O4 NAG I . -32.27 13.54 48.02
O5 NAG I . -33.20 11.87 44.90
O6 NAG I . -30.87 11.07 44.80
O7 NAG I . -38.09 11.39 45.35
C1 NDG J . -31.73 14.68 51.08
C2 NDG J . -30.47 15.58 51.03
C3 NDG J . -29.77 15.63 52.41
C4 NDG J . -30.78 15.99 53.50
C5 NDG J . -31.97 15.02 53.45
C6 NDG J . -33.04 15.36 54.49
C7 NDG J . -29.95 14.47 48.94
C8 NDG J . -29.76 12.96 48.90
O5 NDG J . -32.60 15.07 52.15
O3 NDG J . -28.73 16.60 52.39
O4 NDG J . -30.14 15.90 54.77
O6 NDG J . -32.48 15.92 55.66
O7 NDG J . -30.47 15.05 47.99
N2 NDG J . -29.53 15.10 50.03
O1 NDG J . -31.37 13.35 51.25
C1 NAG K . -30.07 6.48 10.29
C2 NAG K . -29.59 7.11 8.98
C3 NAG K . -29.44 8.63 9.14
C4 NAG K . -30.68 9.27 9.78
C5 NAG K . -31.11 8.49 11.02
C6 NAG K . -32.42 8.99 11.59
C7 NAG K . -27.85 6.72 7.36
C8 NAG K . -26.74 7.77 7.19
N2 NAG K . -28.31 6.52 8.58
O1 NAG K . -30.32 5.12 10.11
O3 NAG K . -29.22 9.23 7.87
O4 NAG K . -30.39 10.60 10.16
O5 NAG K . -31.30 7.10 10.68
O6 NAG K . -32.25 10.25 12.23
O7 NAG K . -28.25 6.10 6.37
C1 NDG L . -30.64 11.61 7.45
C2 NDG L . -30.91 12.96 8.07
C3 NDG L . -32.12 13.58 7.37
C4 NDG L . -31.82 13.70 5.87
C5 NDG L . -31.39 12.34 5.28
C6 NDG L . -30.87 12.49 3.86
C7 NDG L . -30.35 13.42 10.37
C8 NDG L . -30.87 14.62 11.12
O5 NDG L . -30.31 11.77 6.06
O3 NDG L . -32.39 14.86 7.92
O4 NDG L . -32.98 14.17 5.18
O6 NDG L . -31.90 12.27 2.90
O7 NDG L . -29.20 13.02 10.57
N2 NDG L . -31.16 12.84 9.49
O1 NDG L . -31.78 10.82 7.52
C1 GOL M . -26.74 -2.24 27.22
O1 GOL M . -28.11 -2.45 26.75
C2 GOL M . -26.01 -3.61 27.47
O2 GOL M . -26.27 -4.55 26.44
C3 GOL M . -26.38 -4.29 28.82
O3 GOL M . -27.70 -4.82 28.88
#